data_2FKJ
#
_entry.id   2FKJ
#
_cell.length_a   72.150
_cell.length_b   105.500
_cell.length_c   88.981
_cell.angle_alpha   90.00
_cell.angle_beta   93.24
_cell.angle_gamma   90.00
#
_symmetry.space_group_name_H-M   'P 1 21 1'
#
_entity_poly.entity_id   1
_entity_poly.type   'polypeptide(L)'
_entity_poly.pdbx_seq_one_letter_code
;GSHMKNSVSVDLPGEMKVLVSKEKNKDGKYDLIATVDKLELKGTSDKNNGSGVLEGVKADKSKVKLTISDDLGQTTLEVF
KEDGKTLVSKKVTSKDKSSTEEKFNEKGELSEKKITRADKSSTEEKFNEKGELSEKKITRADKSSTEEKFNEKGELSEKK
ITRADKSSTEEKFNEKGELSEKKITRADKSSTEEKFNEKGELSEKKITRADKSSTEEKFNEKGEVSEKIITRADGTRLEY
TGIKSDGSGKAKEVLKGYVLEGTLTAEKTTLVVKEGTVTLSKNISKSGEVSVELNDTDSSAATKKTAAWNSGTSTLTITV
NSKKTKDLVFTKENTITVQQYDSNGTKLEGSAVEITKLDEIKNALK
;
_entity_poly.pdbx_strand_id   A,B,C
#
# COMPACT_ATOMS: atom_id res chain seq x y z
N ASN A 6 -31.34 -51.60 -31.67
CA ASN A 6 -30.32 -52.16 -32.60
C ASN A 6 -28.91 -51.62 -32.34
N SER A 7 -28.73 -50.69 -31.41
CA SER A 7 -27.44 -50.01 -31.21
C SER A 7 -27.20 -49.60 -29.75
N VAL A 8 -26.07 -48.98 -29.41
CA VAL A 8 -25.79 -48.50 -28.05
C VAL A 8 -25.33 -47.03 -28.03
N SER A 9 -25.85 -46.20 -27.12
CA SER A 9 -25.38 -44.81 -26.98
C SER A 9 -24.04 -44.77 -26.28
N VAL A 10 -23.10 -43.93 -26.71
CA VAL A 10 -21.87 -43.68 -25.98
C VAL A 10 -21.90 -42.19 -25.67
N ASP A 11 -21.98 -41.76 -24.40
CA ASP A 11 -21.98 -40.31 -24.12
C ASP A 11 -20.56 -39.74 -24.11
N LEU A 12 -20.35 -38.54 -24.64
CA LEU A 12 -19.01 -38.03 -24.97
C LEU A 12 -18.68 -36.66 -24.33
N PRO A 13 -17.44 -36.19 -24.47
CA PRO A 13 -17.10 -34.84 -24.06
C PRO A 13 -17.74 -33.81 -24.97
N GLY A 14 -17.95 -32.56 -24.52
CA GLY A 14 -18.71 -31.58 -25.28
C GLY A 14 -20.19 -31.85 -25.14
N GLU A 15 -20.62 -32.59 -24.11
CA GLU A 15 -21.99 -33.05 -23.97
C GLU A 15 -22.59 -33.42 -25.31
N MET A 16 -22.19 -34.54 -25.90
CA MET A 16 -22.89 -35.11 -27.05
C MET A 16 -22.77 -36.62 -26.99
N LYS A 17 -23.63 -37.37 -27.67
CA LYS A 17 -23.60 -38.83 -27.63
C LYS A 17 -23.43 -39.39 -29.04
N VAL A 18 -22.55 -40.36 -29.27
CA VAL A 18 -22.49 -41.05 -30.57
C VAL A 18 -23.21 -42.40 -30.48
N LEU A 19 -23.95 -42.82 -31.50
CA LEU A 19 -24.62 -44.12 -31.46
C LEU A 19 -23.84 -45.13 -32.28
N VAL A 20 -23.48 -46.29 -31.72
CA VAL A 20 -22.75 -47.33 -32.46
C VAL A 20 -23.58 -48.61 -32.57
N SER A 21 -23.72 -49.19 -33.77
CA SER A 21 -24.52 -50.39 -34.00
C SER A 21 -23.98 -51.62 -33.28
N LYS A 22 -24.80 -52.64 -33.02
CA LYS A 22 -24.35 -53.82 -32.25
C LYS A 22 -23.42 -54.74 -33.05
N GLU A 23 -23.56 -54.83 -34.37
CA GLU A 23 -22.61 -55.59 -35.21
C GLU A 23 -22.30 -54.90 -36.55
N LYS A 24 -21.26 -55.33 -37.28
CA LYS A 24 -20.70 -54.64 -38.44
C LYS A 24 -21.65 -54.38 -39.61
N ASN A 25 -21.22 -53.68 -40.66
CA ASN A 25 -22.07 -53.46 -41.84
C ASN A 25 -21.71 -54.35 -43.03
N LYS A 26 -22.22 -54.09 -44.22
CA LYS A 26 -21.92 -54.85 -45.43
C LYS A 26 -20.44 -54.74 -45.83
N ASP A 27 -19.78 -53.60 -45.61
CA ASP A 27 -18.35 -53.45 -45.92
C ASP A 27 -17.48 -53.72 -44.69
N GLY A 28 -18.00 -54.35 -43.64
CA GLY A 28 -17.21 -54.76 -42.48
C GLY A 28 -16.91 -53.64 -41.51
N LYS A 29 -17.50 -52.46 -41.67
CA LYS A 29 -17.26 -51.32 -40.79
C LYS A 29 -18.40 -51.14 -39.80
N TYR A 30 -18.24 -50.43 -38.69
CA TYR A 30 -19.36 -50.14 -37.80
C TYR A 30 -20.04 -48.83 -38.18
N ASP A 31 -21.35 -48.74 -38.11
CA ASP A 31 -22.05 -47.51 -38.45
C ASP A 31 -22.14 -46.58 -37.25
N LEU A 32 -21.94 -45.27 -37.40
CA LEU A 32 -22.06 -44.31 -36.29
C LEU A 32 -22.98 -43.14 -36.65
N ILE A 33 -23.89 -42.75 -35.77
CA ILE A 33 -24.78 -41.63 -36.03
C ILE A 33 -24.90 -40.75 -34.80
N ALA A 34 -24.84 -39.43 -34.92
CA ALA A 34 -25.05 -38.52 -33.80
C ALA A 34 -25.70 -37.22 -34.24
N THR A 35 -26.39 -36.52 -33.35
CA THR A 35 -27.08 -35.31 -33.69
C THR A 35 -26.35 -34.18 -33.02
N VAL A 36 -25.89 -33.15 -33.75
CA VAL A 36 -25.19 -32.01 -33.18
C VAL A 36 -25.87 -30.70 -33.58
N ASP A 37 -26.15 -29.79 -32.65
CA ASP A 37 -26.92 -28.56 -32.92
C ASP A 37 -27.99 -28.83 -33.98
N LYS A 38 -28.87 -29.82 -33.79
CA LYS A 38 -29.95 -30.13 -34.72
C LYS A 38 -29.48 -30.67 -36.06
N LEU A 39 -28.23 -31.11 -36.20
CA LEU A 39 -27.76 -31.69 -37.46
C LEU A 39 -27.36 -33.14 -37.27
N GLU A 40 -27.83 -34.04 -38.12
CA GLU A 40 -27.53 -35.45 -37.97
C GLU A 40 -26.24 -35.80 -38.69
N LEU A 41 -25.22 -36.26 -37.97
CA LEU A 41 -23.92 -36.59 -38.54
C LEU A 41 -23.75 -38.11 -38.69
N LYS A 42 -23.24 -38.60 -39.83
CA LYS A 42 -23.16 -40.04 -40.09
C LYS A 42 -21.73 -40.43 -40.35
N GLY A 43 -21.25 -41.58 -39.89
CA GLY A 43 -19.86 -41.96 -40.11
C GLY A 43 -19.59 -43.45 -40.02
N THR A 44 -18.48 -43.96 -40.57
CA THR A 44 -18.15 -45.38 -40.46
C THR A 44 -16.74 -45.57 -39.91
N SER A 45 -16.55 -46.31 -38.83
CA SER A 45 -15.21 -46.58 -38.31
C SER A 45 -14.94 -48.07 -38.21
N ASP A 46 -13.68 -48.52 -38.20
CA ASP A 46 -13.33 -49.93 -37.98
C ASP A 46 -13.70 -50.33 -36.55
N LYS A 47 -13.57 -49.43 -35.58
CA LYS A 47 -13.76 -49.74 -34.15
C LYS A 47 -15.18 -49.46 -33.67
N ASN A 48 -15.67 -50.18 -32.64
CA ASN A 48 -17.02 -49.97 -32.13
C ASN A 48 -17.08 -49.40 -30.71
N ASN A 49 -16.05 -48.70 -30.24
CA ASN A 49 -16.08 -48.07 -28.92
C ASN A 49 -16.73 -46.71 -28.97
N GLY A 50 -17.15 -46.24 -30.14
CA GLY A 50 -17.73 -44.91 -30.31
C GLY A 50 -16.76 -43.99 -31.03
N SER A 51 -15.48 -44.34 -31.12
CA SER A 51 -14.49 -43.49 -31.76
C SER A 51 -14.71 -43.38 -33.27
N GLY A 52 -14.12 -42.39 -33.94
CA GLY A 52 -14.20 -42.25 -35.38
C GLY A 52 -14.65 -40.89 -35.85
N VAL A 53 -14.88 -40.69 -37.15
CA VAL A 53 -15.33 -39.41 -37.70
C VAL A 53 -16.74 -39.46 -38.28
N LEU A 54 -17.58 -38.46 -38.02
CA LEU A 54 -18.92 -38.35 -38.58
C LEU A 54 -19.04 -37.05 -39.32
N GLU A 55 -19.68 -37.01 -40.48
CA GLU A 55 -19.87 -35.76 -41.20
C GLU A 55 -21.34 -35.44 -41.37
N GLY A 56 -21.69 -34.19 -41.66
CA GLY A 56 -23.04 -33.81 -42.05
C GLY A 56 -22.99 -32.54 -42.87
N VAL A 57 -24.05 -32.17 -43.59
CA VAL A 57 -24.00 -30.91 -44.36
C VAL A 57 -25.15 -30.00 -43.96
N LYS A 58 -24.87 -28.77 -43.52
CA LYS A 58 -25.90 -27.80 -43.14
C LYS A 58 -26.75 -27.41 -44.35
N ALA A 59 -27.94 -26.84 -44.17
CA ALA A 59 -28.77 -26.48 -45.31
C ALA A 59 -28.12 -25.37 -46.15
N ASP A 60 -27.26 -24.52 -45.59
CA ASP A 60 -26.60 -23.49 -46.39
C ASP A 60 -25.39 -24.09 -47.11
N LYS A 61 -25.25 -25.42 -47.17
CA LYS A 61 -24.13 -26.15 -47.81
C LYS A 61 -22.83 -26.22 -46.99
N SER A 62 -22.71 -25.59 -45.83
CA SER A 62 -21.45 -25.65 -45.07
C SER A 62 -21.24 -27.01 -44.42
N LYS A 63 -20.05 -27.57 -44.43
CA LYS A 63 -19.86 -28.97 -44.02
C LYS A 63 -19.50 -29.10 -42.53
N VAL A 64 -20.10 -30.03 -41.79
CA VAL A 64 -19.75 -30.23 -40.38
C VAL A 64 -19.01 -31.55 -40.21
N LYS A 65 -17.93 -31.60 -39.45
CA LYS A 65 -17.15 -32.80 -39.27
C LYS A 65 -16.94 -33.01 -37.77
N LEU A 66 -17.35 -34.14 -37.20
CA LEU A 66 -17.12 -34.43 -35.79
C LEU A 66 -16.09 -35.54 -35.66
N THR A 67 -14.97 -35.34 -34.98
CA THR A 67 -13.92 -36.34 -34.90
C THR A 67 -13.74 -36.81 -33.47
N ILE A 68 -14.18 -38.03 -33.13
CA ILE A 68 -14.06 -38.58 -31.79
C ILE A 68 -12.76 -39.37 -31.68
N SER A 69 -11.89 -39.10 -30.71
CA SER A 69 -10.54 -39.69 -30.64
C SER A 69 -10.53 -41.18 -30.35
N ASP A 70 -9.49 -41.91 -30.75
CA ASP A 70 -9.36 -43.36 -30.51
C ASP A 70 -9.83 -43.75 -29.10
N ASP A 71 -9.30 -43.11 -28.05
CA ASP A 71 -9.58 -43.47 -26.66
C ASP A 71 -10.84 -42.77 -26.13
N LEU A 72 -11.69 -42.21 -26.98
CA LEU A 72 -12.85 -41.42 -26.56
C LEU A 72 -12.43 -40.32 -25.57
N GLY A 73 -11.21 -39.79 -25.65
CA GLY A 73 -10.75 -38.81 -24.68
C GLY A 73 -10.86 -37.40 -25.21
N GLN A 74 -11.35 -37.18 -26.43
CA GLN A 74 -11.35 -35.86 -27.05
C GLN A 74 -12.36 -35.77 -28.19
N THR A 75 -13.05 -34.66 -28.39
CA THR A 75 -13.89 -34.46 -29.57
C THR A 75 -13.50 -33.21 -30.33
N THR A 76 -13.26 -33.27 -31.63
CA THR A 76 -12.98 -32.07 -32.42
C THR A 76 -14.17 -31.82 -33.30
N LEU A 77 -14.93 -30.75 -33.07
CA LEU A 77 -16.09 -30.43 -33.89
C LEU A 77 -15.70 -29.32 -34.87
N GLU A 78 -15.51 -29.64 -36.15
CA GLU A 78 -15.11 -28.63 -37.13
C GLU A 78 -16.31 -28.20 -37.95
N VAL A 79 -16.39 -26.97 -38.41
CA VAL A 79 -17.45 -26.54 -39.32
C VAL A 79 -16.76 -25.81 -40.44
N PHE A 80 -16.75 -26.35 -41.65
CA PHE A 80 -16.05 -25.73 -42.79
C PHE A 80 -17.02 -25.00 -43.69
N LYS A 81 -16.54 -24.23 -44.67
CA LYS A 81 -17.37 -23.67 -45.73
C LYS A 81 -17.86 -24.76 -46.70
N GLU A 82 -18.66 -24.41 -47.71
CA GLU A 82 -19.13 -25.35 -48.73
C GLU A 82 -18.01 -26.22 -49.29
N ASP A 83 -16.75 -25.78 -49.29
CA ASP A 83 -15.67 -26.54 -49.91
C ASP A 83 -15.13 -27.65 -49.01
N GLY A 84 -15.51 -27.71 -47.74
CA GLY A 84 -14.98 -28.72 -46.82
C GLY A 84 -13.54 -28.49 -46.37
N LYS A 85 -12.84 -27.47 -46.89
CA LYS A 85 -11.44 -27.18 -46.54
C LYS A 85 -11.27 -25.89 -45.75
N THR A 86 -12.02 -24.82 -46.02
CA THR A 86 -11.84 -23.55 -45.33
C THR A 86 -12.61 -23.51 -44.02
N LEU A 87 -11.97 -23.59 -42.85
CA LEU A 87 -12.64 -23.68 -41.56
C LEU A 87 -13.47 -22.45 -41.25
N VAL A 88 -14.58 -22.61 -40.54
CA VAL A 88 -15.40 -21.49 -40.08
C VAL A 88 -15.27 -21.49 -38.56
N SER A 89 -15.37 -22.64 -37.91
CA SER A 89 -15.16 -22.74 -36.48
C SER A 89 -14.56 -24.07 -36.13
N LYS A 90 -14.02 -24.22 -34.93
CA LYS A 90 -13.49 -25.50 -34.48
C LYS A 90 -13.58 -25.54 -32.96
N LYS A 91 -14.15 -26.60 -32.37
CA LYS A 91 -14.23 -26.73 -30.92
C LYS A 91 -13.65 -28.07 -30.46
N VAL A 92 -12.59 -28.08 -29.66
CA VAL A 92 -12.03 -29.32 -29.14
C VAL A 92 -12.36 -29.39 -27.65
N THR A 93 -13.24 -30.27 -27.21
CA THR A 93 -13.54 -30.44 -25.79
C THR A 93 -12.86 -31.71 -25.30
N SER A 94 -12.28 -31.72 -24.11
CA SER A 94 -11.63 -32.92 -23.62
C SER A 94 -12.46 -33.58 -22.52
N LYS A 95 -12.00 -34.68 -21.93
CA LYS A 95 -12.77 -35.41 -20.94
C LYS A 95 -12.83 -34.65 -19.62
N ASP A 96 -11.75 -34.00 -19.20
CA ASP A 96 -11.75 -33.22 -17.96
C ASP A 96 -12.57 -31.94 -18.09
N LYS A 97 -13.25 -31.70 -19.21
CA LYS A 97 -14.15 -30.56 -19.41
C LYS A 97 -13.41 -29.32 -19.88
N SER A 98 -12.08 -29.36 -20.00
CA SER A 98 -11.33 -28.26 -20.59
C SER A 98 -11.78 -28.11 -22.03
N SER A 99 -11.60 -26.97 -22.68
CA SER A 99 -12.09 -26.79 -24.04
C SER A 99 -11.26 -25.82 -24.86
N THR A 100 -11.57 -25.68 -26.15
CA THR A 100 -10.90 -24.76 -27.05
C THR A 100 -11.91 -24.32 -28.11
N GLU A 101 -12.35 -23.08 -28.11
CA GLU A 101 -13.23 -22.60 -29.18
C GLU A 101 -12.44 -21.71 -30.13
N GLU A 102 -12.51 -21.94 -31.43
CA GLU A 102 -11.83 -21.11 -32.42
C GLU A 102 -12.82 -20.56 -33.45
N LYS A 103 -12.70 -19.31 -33.87
CA LYS A 103 -13.54 -18.75 -34.91
C LYS A 103 -12.67 -18.22 -36.03
N PHE A 104 -13.11 -18.30 -37.28
CA PHE A 104 -12.26 -18.03 -38.42
C PHE A 104 -12.78 -16.93 -39.35
N ASN A 105 -11.92 -16.21 -40.05
CA ASN A 105 -12.38 -15.18 -40.95
C ASN A 105 -12.76 -15.81 -42.27
N GLU A 106 -13.24 -15.05 -43.26
CA GLU A 106 -13.66 -15.62 -44.54
C GLU A 106 -12.49 -16.22 -45.31
N LYS A 107 -11.24 -15.93 -44.98
CA LYS A 107 -10.10 -16.61 -45.59
C LYS A 107 -9.76 -17.89 -44.83
N GLY A 108 -10.49 -18.26 -43.79
CA GLY A 108 -10.23 -19.48 -43.03
C GLY A 108 -9.11 -19.33 -42.03
N GLU A 109 -8.74 -18.10 -41.69
CA GLU A 109 -7.62 -17.80 -40.80
C GLU A 109 -8.14 -17.49 -39.39
N LEU A 110 -7.33 -17.50 -38.32
CA LEU A 110 -7.88 -17.44 -36.96
C LEU A 110 -8.42 -16.06 -36.61
N SER A 111 -9.49 -15.94 -35.80
CA SER A 111 -10.04 -14.64 -35.45
C SER A 111 -10.25 -14.56 -33.95
N GLU A 112 -10.68 -15.64 -33.30
CA GLU A 112 -10.88 -15.69 -31.86
C GLU A 112 -10.39 -17.03 -31.35
N LYS A 113 -9.60 -17.10 -30.29
CA LYS A 113 -9.38 -18.36 -29.61
C LYS A 113 -9.68 -18.24 -28.12
N LYS A 114 -10.59 -19.04 -27.58
CA LYS A 114 -10.86 -19.08 -26.14
C LYS A 114 -10.37 -20.41 -25.61
N ILE A 115 -9.44 -20.44 -24.68
CA ILE A 115 -9.07 -21.71 -24.07
C ILE A 115 -9.80 -21.79 -22.74
N THR A 116 -10.61 -22.81 -22.47
CA THR A 116 -11.23 -22.91 -21.16
C THR A 116 -10.59 -24.04 -20.36
N ARG A 117 -10.11 -23.78 -19.16
CA ARG A 117 -9.44 -24.80 -18.36
C ARG A 117 -10.42 -25.61 -17.51
N ALA A 118 -10.00 -26.71 -16.88
CA ALA A 118 -10.90 -27.58 -16.12
C ALA A 118 -11.56 -26.88 -14.94
N ASP A 119 -10.97 -25.86 -14.33
CA ASP A 119 -11.60 -25.10 -13.24
C ASP A 119 -12.42 -23.92 -13.75
N LYS A 120 -12.90 -23.94 -14.99
CA LYS A 120 -13.79 -22.91 -15.57
C LYS A 120 -13.12 -21.57 -15.83
N SER A 121 -11.83 -21.39 -15.53
CA SER A 121 -11.13 -20.14 -15.87
C SER A 121 -10.83 -20.11 -17.37
N SER A 122 -10.45 -18.98 -17.96
CA SER A 122 -10.20 -18.93 -19.41
C SER A 122 -9.27 -17.80 -19.89
N THR A 123 -8.46 -18.05 -20.91
CA THR A 123 -7.77 -17.00 -21.65
C THR A 123 -8.43 -16.88 -23.02
N GLU A 124 -8.65 -15.66 -23.53
CA GLU A 124 -9.38 -15.46 -24.78
C GLU A 124 -8.63 -14.44 -25.62
N GLU A 125 -8.44 -14.68 -26.92
CA GLU A 125 -7.66 -13.78 -27.75
C GLU A 125 -8.36 -13.50 -29.06
N LYS A 126 -8.40 -12.24 -29.49
CA LYS A 126 -8.96 -11.87 -30.78
C LYS A 126 -7.83 -11.43 -31.70
N PHE A 127 -7.77 -11.85 -32.96
CA PHE A 127 -6.79 -11.38 -33.93
C PHE A 127 -7.44 -10.56 -35.05
N ASN A 128 -6.80 -9.51 -35.56
CA ASN A 128 -7.36 -8.73 -36.67
C ASN A 128 -7.25 -9.44 -38.03
N GLU A 129 -7.67 -8.80 -39.12
CA GLU A 129 -7.72 -9.43 -40.45
C GLU A 129 -6.33 -9.68 -41.02
N LYS A 130 -5.31 -8.89 -40.69
CA LYS A 130 -3.94 -9.17 -41.11
C LYS A 130 -3.28 -10.20 -40.20
N GLY A 131 -3.95 -10.70 -39.16
CA GLY A 131 -3.40 -11.77 -38.35
C GLY A 131 -2.64 -11.26 -37.14
N GLU A 132 -2.70 -9.97 -36.84
CA GLU A 132 -2.06 -9.44 -35.65
C GLU A 132 -2.98 -9.58 -34.45
N LEU A 133 -2.47 -9.62 -33.21
CA LEU A 133 -3.31 -9.72 -32.03
C LEU A 133 -4.12 -8.45 -31.89
N SER A 134 -5.37 -8.53 -31.43
CA SER A 134 -6.21 -7.36 -31.33
C SER A 134 -6.48 -7.15 -29.84
N GLU A 135 -7.14 -8.07 -29.15
CA GLU A 135 -7.25 -7.98 -27.71
C GLU A 135 -7.01 -9.32 -27.04
N LYS A 136 -6.76 -9.33 -25.73
CA LYS A 136 -6.62 -10.56 -24.98
C LYS A 136 -7.34 -10.38 -23.65
N LYS A 137 -8.11 -11.37 -23.20
CA LYS A 137 -8.82 -11.28 -21.94
C LYS A 137 -8.48 -12.52 -21.09
N ILE A 138 -8.06 -12.37 -19.83
CA ILE A 138 -7.75 -13.52 -18.98
C ILE A 138 -8.69 -13.55 -17.80
N THR A 139 -9.59 -14.52 -17.72
CA THR A 139 -10.48 -14.65 -16.58
C THR A 139 -9.89 -15.68 -15.63
N ARG A 140 -9.77 -15.39 -14.34
CA ARG A 140 -9.14 -16.29 -13.38
C ARG A 140 -10.16 -16.94 -12.46
N ALA A 141 -9.76 -17.91 -11.63
CA ALA A 141 -10.67 -18.68 -10.77
C ALA A 141 -11.56 -17.81 -9.90
N ASP A 142 -11.04 -16.74 -9.30
CA ASP A 142 -11.83 -15.85 -8.44
C ASP A 142 -12.71 -14.88 -9.24
N LYS A 143 -12.91 -15.08 -10.54
CA LYS A 143 -13.69 -14.18 -11.39
C LYS A 143 -13.04 -12.78 -11.60
N SER A 144 -11.81 -12.52 -11.15
CA SER A 144 -11.09 -11.31 -11.50
C SER A 144 -10.63 -11.40 -12.95
N SER A 145 -10.44 -10.30 -13.67
CA SER A 145 -10.13 -10.39 -15.10
C SER A 145 -9.26 -9.26 -15.61
N THR A 146 -8.25 -9.55 -16.42
CA THR A 146 -7.44 -8.50 -17.03
C THR A 146 -7.80 -8.40 -18.51
N GLU A 147 -8.00 -7.20 -19.04
CA GLU A 147 -8.42 -6.99 -20.42
C GLU A 147 -7.34 -6.19 -21.13
N GLU A 148 -6.63 -6.74 -22.11
CA GLU A 148 -5.55 -6.02 -22.76
C GLU A 148 -5.95 -5.65 -24.16
N LYS A 149 -5.67 -4.45 -24.65
CA LYS A 149 -5.88 -4.13 -26.05
C LYS A 149 -4.57 -3.85 -26.76
N PHE A 150 -4.38 -4.37 -27.97
CA PHE A 150 -3.17 -4.12 -28.74
C PHE A 150 -3.53 -3.38 -30.03
N ASN A 151 -2.60 -2.73 -30.71
CA ASN A 151 -2.89 -2.02 -31.95
C ASN A 151 -2.75 -2.87 -33.23
N GLU A 152 -3.01 -2.34 -34.42
CA GLU A 152 -2.83 -3.07 -35.68
C GLU A 152 -1.37 -3.52 -35.89
N LYS A 153 -0.39 -2.90 -35.23
CA LYS A 153 1.02 -3.28 -35.32
C LYS A 153 1.37 -4.39 -34.32
N GLY A 154 0.47 -4.74 -33.39
CA GLY A 154 0.72 -5.82 -32.42
C GLY A 154 1.48 -5.40 -31.16
N GLU A 155 1.53 -4.11 -30.82
CA GLU A 155 2.13 -3.62 -29.57
C GLU A 155 1.06 -3.32 -28.52
N LEU A 156 1.34 -3.39 -27.22
CA LEU A 156 0.32 -3.18 -26.17
C LEU A 156 -0.15 -1.73 -26.13
N SER A 157 -1.45 -1.46 -26.03
CA SER A 157 -1.93 -0.07 -25.92
C SER A 157 -2.61 0.18 -24.60
N GLU A 158 -3.33 -0.79 -24.05
CA GLU A 158 -4.18 -0.58 -22.89
C GLU A 158 -4.33 -1.89 -22.12
N LYS A 159 -4.32 -1.86 -20.79
CA LYS A 159 -4.50 -3.06 -19.99
C LYS A 159 -5.30 -2.71 -18.75
N LYS A 160 -6.36 -3.44 -18.40
CA LYS A 160 -7.12 -3.15 -17.20
C LYS A 160 -7.26 -4.40 -16.34
N ILE A 161 -6.73 -4.43 -15.12
CA ILE A 161 -7.00 -5.54 -14.21
C ILE A 161 -8.25 -5.19 -13.46
N THR A 162 -9.25 -6.07 -13.38
CA THR A 162 -10.39 -5.86 -12.51
C THR A 162 -10.36 -6.95 -11.45
N ARG A 163 -10.37 -6.60 -10.17
CA ARG A 163 -10.16 -7.55 -9.09
C ARG A 163 -11.47 -8.05 -8.49
N ALA A 164 -11.47 -9.14 -7.73
CA ALA A 164 -12.69 -9.68 -7.12
C ALA A 164 -13.29 -8.70 -6.12
N ASP A 165 -12.53 -7.75 -5.60
CA ASP A 165 -13.04 -6.78 -4.63
C ASP A 165 -13.47 -5.47 -5.31
N LYS A 166 -13.62 -5.46 -6.64
CA LYS A 166 -14.00 -4.27 -7.40
C LYS A 166 -12.91 -3.19 -7.40
N SER A 167 -11.66 -3.54 -7.13
CA SER A 167 -10.54 -2.62 -7.30
C SER A 167 -9.97 -2.81 -8.70
N SER A 168 -9.36 -1.80 -9.31
CA SER A 168 -8.82 -1.94 -10.66
C SER A 168 -7.51 -1.21 -10.88
N THR A 169 -6.60 -1.78 -11.66
CA THR A 169 -5.36 -1.13 -12.08
C THR A 169 -5.41 -0.88 -13.58
N GLU A 170 -5.73 0.35 -14.03
CA GLU A 170 -5.77 0.70 -15.45
C GLU A 170 -4.38 1.20 -15.91
N GLU A 171 -3.83 0.66 -17.00
CA GLU A 171 -2.57 1.16 -17.55
C GLU A 171 -2.74 1.57 -19.01
N LYS A 172 -2.30 2.75 -19.42
CA LYS A 172 -2.33 3.13 -20.83
C LYS A 172 -0.91 3.17 -21.38
N PHE A 173 -0.71 2.77 -22.63
CA PHE A 173 0.63 2.73 -23.23
C PHE A 173 0.67 3.59 -24.49
N ASN A 174 1.81 4.06 -24.97
CA ASN A 174 1.85 4.92 -26.14
C ASN A 174 2.08 4.19 -27.46
N GLU A 175 2.48 4.88 -28.53
CA GLU A 175 2.79 4.27 -29.82
C GLU A 175 4.02 3.39 -29.76
N LYS A 176 4.79 3.42 -28.67
CA LYS A 176 6.03 2.68 -28.59
C LYS A 176 5.96 1.52 -27.59
N GLY A 177 4.81 1.24 -26.98
CA GLY A 177 4.69 0.18 -25.97
C GLY A 177 5.22 0.69 -24.65
N GLU A 178 5.22 2.00 -24.43
CA GLU A 178 5.80 2.62 -23.26
C GLU A 178 4.70 3.08 -22.30
N LEU A 179 4.83 2.88 -20.99
CA LEU A 179 3.78 3.25 -20.04
C LEU A 179 3.58 4.75 -20.05
N SER A 180 2.42 5.27 -20.42
CA SER A 180 2.20 6.70 -20.38
C SER A 180 1.48 7.10 -19.11
N GLU A 181 0.62 6.26 -18.55
CA GLU A 181 -0.22 6.71 -17.46
C GLU A 181 -0.86 5.51 -16.75
N LYS A 182 -0.82 5.42 -15.42
CA LYS A 182 -1.38 4.30 -14.68
C LYS A 182 -2.33 4.74 -13.55
N LYS A 183 -3.50 4.12 -13.37
CA LYS A 183 -4.47 4.54 -12.35
C LYS A 183 -4.91 3.40 -11.44
N ILE A 184 -4.27 3.17 -10.30
CA ILE A 184 -4.77 2.19 -9.34
C ILE A 184 -5.97 2.78 -8.63
N THR A 185 -7.14 2.15 -8.68
CA THR A 185 -8.27 2.61 -7.89
C THR A 185 -8.68 1.52 -6.90
N ARG A 186 -8.81 1.84 -5.60
CA ARG A 186 -8.91 0.83 -4.54
C ARG A 186 -10.33 0.41 -4.20
N ALA A 187 -10.51 -0.65 -3.42
CA ALA A 187 -11.81 -1.12 -2.96
C ALA A 187 -12.50 -0.07 -2.08
N ASP A 188 -11.79 0.82 -1.39
CA ASP A 188 -12.45 1.89 -0.65
C ASP A 188 -12.77 3.11 -1.54
N LYS A 189 -12.74 2.98 -2.88
CA LYS A 189 -13.06 4.06 -3.84
C LYS A 189 -12.04 5.21 -3.94
N SER A 190 -10.94 5.20 -3.19
CA SER A 190 -9.86 6.17 -3.39
C SER A 190 -8.94 5.69 -4.52
N SER A 191 -7.96 6.49 -4.97
CA SER A 191 -7.17 6.13 -6.15
C SER A 191 -5.85 6.88 -6.25
N THR A 192 -4.72 6.20 -6.36
CA THR A 192 -3.47 6.83 -6.78
C THR A 192 -3.43 6.83 -8.31
N GLU A 193 -3.17 7.96 -8.98
CA GLU A 193 -2.97 7.97 -10.43
C GLU A 193 -1.60 8.52 -10.81
N GLU A 194 -0.90 7.92 -11.77
CA GLU A 194 0.42 8.39 -12.16
C GLU A 194 0.48 8.72 -13.64
N LYS A 195 1.17 9.78 -14.06
CA LYS A 195 1.48 10.03 -15.45
C LYS A 195 2.99 9.96 -15.65
N PHE A 196 3.46 9.58 -16.84
CA PHE A 196 4.89 9.43 -17.10
C PHE A 196 5.34 10.20 -18.34
N ASN A 197 6.49 10.88 -18.32
CA ASN A 197 7.10 11.46 -19.52
C ASN A 197 7.62 10.41 -20.51
N GLU A 198 8.12 10.77 -21.69
CA GLU A 198 8.82 9.77 -22.51
C GLU A 198 10.29 9.68 -22.12
N LYS A 199 10.59 9.15 -20.94
CA LYS A 199 11.93 8.88 -20.47
C LYS A 199 11.76 7.78 -19.45
N GLY A 200 10.52 7.49 -19.02
CA GLY A 200 10.24 6.51 -17.97
C GLY A 200 9.90 7.16 -16.65
N GLU A 201 10.27 8.42 -16.41
CA GLU A 201 10.14 9.05 -15.10
C GLU A 201 8.72 9.55 -14.80
N LEU A 202 8.33 9.62 -13.52
CA LEU A 202 7.02 10.10 -13.10
C LEU A 202 6.89 11.59 -13.35
N SER A 203 5.96 12.08 -14.17
CA SER A 203 5.80 13.51 -14.39
C SER A 203 4.69 14.08 -13.53
N GLU A 204 3.63 13.33 -13.23
CA GLU A 204 2.54 13.83 -12.39
C GLU A 204 1.92 12.73 -11.54
N LYS A 205 1.72 12.92 -10.24
CA LYS A 205 0.99 11.97 -9.39
C LYS A 205 -0.27 12.65 -8.88
N LYS A 206 -1.38 11.94 -8.76
CA LYS A 206 -2.61 12.51 -8.21
C LYS A 206 -3.29 11.53 -7.26
N ILE A 207 -3.24 11.74 -5.94
CA ILE A 207 -3.96 10.87 -5.01
C ILE A 207 -5.35 11.42 -4.71
N THR A 208 -6.41 10.72 -5.10
CA THR A 208 -7.77 11.06 -4.67
C THR A 208 -8.12 10.29 -3.39
N ARG A 209 -8.71 10.92 -2.38
CA ARG A 209 -9.14 10.24 -1.16
C ARG A 209 -10.56 9.75 -1.30
N ALA A 210 -11.07 8.97 -0.34
CA ALA A 210 -12.47 8.54 -0.35
C ALA A 210 -13.42 9.73 -0.46
N ASP A 211 -13.21 10.80 0.32
CA ASP A 211 -14.09 11.97 0.35
C ASP A 211 -13.88 12.94 -0.81
N LYS A 212 -13.36 12.51 -1.95
CA LYS A 212 -13.20 13.34 -3.16
C LYS A 212 -12.14 14.44 -3.02
N SER A 213 -11.56 14.65 -1.85
CA SER A 213 -10.37 15.51 -1.70
C SER A 213 -9.18 14.87 -2.41
N SER A 214 -8.27 15.62 -3.01
CA SER A 214 -7.19 15.02 -3.79
C SER A 214 -5.88 15.77 -3.67
N THR A 215 -4.74 15.13 -3.83
CA THR A 215 -3.46 15.83 -3.85
C THR A 215 -2.77 15.63 -5.18
N GLU A 216 -2.78 16.64 -6.06
CA GLU A 216 -2.12 16.57 -7.35
C GLU A 216 -0.68 17.05 -7.20
N GLU A 217 0.31 16.33 -7.73
CA GLU A 217 1.71 16.72 -7.60
C GLU A 217 2.40 16.72 -8.94
N LYS A 218 3.19 17.74 -9.29
CA LYS A 218 4.09 17.67 -10.45
C LYS A 218 5.50 17.39 -9.96
N PHE A 219 6.26 16.56 -10.67
CA PHE A 219 7.62 16.23 -10.27
C PHE A 219 8.62 16.90 -11.19
N ASN A 220 9.83 17.21 -10.74
CA ASN A 220 10.84 17.83 -11.59
C ASN A 220 11.85 16.83 -12.16
N GLU A 221 13.01 17.27 -12.64
CA GLU A 221 14.02 16.37 -13.19
C GLU A 221 14.83 15.69 -12.09
N LYS A 222 14.91 16.27 -10.88
CA LYS A 222 15.59 15.65 -9.74
C LYS A 222 14.67 14.67 -9.03
N GLY A 223 13.41 14.53 -9.44
CA GLY A 223 12.46 13.68 -8.74
C GLY A 223 11.69 14.45 -7.68
N GLU A 224 12.13 15.65 -7.30
CA GLU A 224 11.46 16.43 -6.24
C GLU A 224 10.09 16.97 -6.66
N VAL A 225 9.23 17.34 -5.72
CA VAL A 225 7.89 17.83 -6.03
C VAL A 225 8.01 19.30 -6.36
N SER A 226 7.70 19.73 -7.58
CA SER A 226 7.78 21.14 -7.94
C SER A 226 6.47 21.88 -7.67
N GLU A 227 5.30 21.31 -7.97
CA GLU A 227 4.03 21.99 -7.78
C GLU A 227 3.04 21.07 -7.05
N LYS A 228 2.18 21.61 -6.18
CA LYS A 228 1.18 20.80 -5.45
C LYS A 228 -0.20 21.46 -5.50
N ILE A 229 -1.27 20.75 -5.84
CA ILE A 229 -2.64 21.28 -5.71
C ILE A 229 -3.47 20.46 -4.71
N ILE A 230 -3.65 20.93 -3.49
CA ILE A 230 -4.49 20.22 -2.54
C ILE A 230 -5.93 20.66 -2.80
N THR A 231 -6.79 19.76 -3.27
CA THR A 231 -8.22 20.06 -3.45
C THR A 231 -9.01 19.55 -2.26
N ARG A 232 -9.81 20.40 -1.61
CA ARG A 232 -10.64 20.00 -0.49
C ARG A 232 -11.97 19.44 -0.99
N ALA A 233 -12.76 18.78 -0.15
CA ALA A 233 -14.08 18.27 -0.55
C ALA A 233 -15.00 19.41 -0.96
N ASP A 234 -14.93 20.56 -0.29
CA ASP A 234 -15.74 21.74 -0.62
C ASP A 234 -15.33 22.39 -1.94
N GLY A 235 -14.45 21.78 -2.74
CA GLY A 235 -14.05 22.33 -4.04
C GLY A 235 -12.90 23.32 -4.01
N THR A 236 -12.73 24.11 -2.93
CA THR A 236 -11.65 25.08 -2.84
C THR A 236 -10.30 24.38 -2.91
N ARG A 237 -9.22 25.06 -3.27
CA ARG A 237 -7.92 24.39 -3.44
C ARG A 237 -6.75 25.24 -2.97
N LEU A 238 -5.70 24.63 -2.44
CA LEU A 238 -4.45 25.32 -2.17
C LEU A 238 -3.54 25.08 -3.34
N GLU A 239 -3.05 26.12 -4.02
CA GLU A 239 -2.12 25.94 -5.13
C GLU A 239 -0.69 26.33 -4.74
N TYR A 240 0.14 25.37 -4.34
CA TYR A 240 1.57 25.59 -4.13
C TYR A 240 2.32 25.48 -5.45
N THR A 241 3.10 26.49 -5.85
CA THR A 241 3.90 26.41 -7.08
C THR A 241 5.32 26.92 -6.92
N GLY A 242 6.24 26.50 -7.78
CA GLY A 242 7.66 26.89 -7.71
C GLY A 242 8.25 26.40 -6.40
N ILE A 243 7.95 25.18 -5.99
CA ILE A 243 8.38 24.63 -4.71
C ILE A 243 9.89 24.33 -4.73
N LYS A 244 10.69 25.00 -3.91
CA LYS A 244 12.14 24.85 -3.91
C LYS A 244 12.61 23.75 -2.98
N SER A 245 13.89 23.39 -2.98
CA SER A 245 14.37 22.19 -2.31
C SER A 245 14.36 22.32 -0.80
N ASP A 246 14.48 23.53 -0.25
CA ASP A 246 14.43 23.74 1.19
C ASP A 246 12.99 23.66 1.72
N GLY A 247 12.05 23.09 0.98
CA GLY A 247 10.65 23.03 1.41
C GLY A 247 9.82 24.29 1.23
N SER A 248 10.34 25.38 0.66
CA SER A 248 9.57 26.63 0.51
C SER A 248 8.92 26.84 -0.87
N GLY A 249 8.10 27.86 -1.08
CA GLY A 249 7.44 28.12 -2.36
C GLY A 249 6.31 29.14 -2.33
N LYS A 250 5.73 29.50 -3.48
CA LYS A 250 4.60 30.43 -3.54
C LYS A 250 3.29 29.71 -3.25
N ALA A 251 2.32 30.32 -2.59
CA ALA A 251 1.04 29.68 -2.29
C ALA A 251 -0.17 30.51 -2.72
N LYS A 252 -1.31 29.88 -2.99
CA LYS A 252 -2.51 30.57 -3.47
C LYS A 252 -3.73 29.77 -3.02
N GLU A 253 -4.67 30.35 -2.28
CA GLU A 253 -5.88 29.60 -1.92
C GLU A 253 -7.03 30.08 -2.80
N VAL A 254 -7.65 29.20 -3.57
CA VAL A 254 -8.73 29.58 -4.47
C VAL A 254 -10.04 29.30 -3.78
N LEU A 255 -10.69 30.31 -3.19
CA LEU A 255 -11.92 30.13 -2.44
C LEU A 255 -13.13 30.59 -3.26
N LYS A 256 -14.36 30.37 -2.84
CA LYS A 256 -15.53 30.83 -3.60
C LYS A 256 -15.55 32.35 -3.79
N GLY A 257 -15.21 32.88 -4.97
CA GLY A 257 -15.33 34.32 -5.24
C GLY A 257 -14.11 35.16 -4.97
N TYR A 258 -13.04 34.62 -4.39
CA TYR A 258 -11.84 35.41 -4.12
C TYR A 258 -10.64 34.49 -3.97
N VAL A 259 -9.42 35.03 -3.99
CA VAL A 259 -8.21 34.25 -3.89
C VAL A 259 -7.33 34.77 -2.75
N LEU A 260 -6.95 33.97 -1.77
CA LEU A 260 -5.96 34.41 -0.79
C LEU A 260 -4.58 34.13 -1.35
N GLU A 261 -3.57 34.95 -1.09
CA GLU A 261 -2.23 34.68 -1.60
C GLU A 261 -1.21 34.60 -0.47
N GLY A 262 -0.11 33.87 -0.62
CA GLY A 262 0.94 33.87 0.39
C GLY A 262 2.17 33.08 0.03
N THR A 263 2.96 32.63 0.99
CA THR A 263 4.16 31.84 0.76
C THR A 263 4.04 30.50 1.45
N LEU A 264 5.02 29.62 1.32
CA LEU A 264 5.00 28.31 1.95
C LEU A 264 6.36 28.04 2.57
N THR A 265 6.44 27.53 3.80
CA THR A 265 7.70 27.10 4.40
C THR A 265 7.56 25.69 4.96
N ALA A 266 8.66 24.97 5.23
CA ALA A 266 8.62 23.61 5.77
C ALA A 266 7.44 23.37 6.69
N GLU A 267 7.32 24.12 7.79
CA GLU A 267 6.25 23.95 8.76
C GLU A 267 4.86 24.38 8.26
N LYS A 268 4.67 25.54 7.64
CA LYS A 268 3.31 26.02 7.38
C LYS A 268 3.09 26.86 6.13
N THR A 269 1.84 27.10 5.76
CA THR A 269 1.46 28.01 4.68
C THR A 269 0.91 29.27 5.32
N THR A 270 1.39 30.45 4.97
CA THR A 270 0.86 31.70 5.51
C THR A 270 0.10 32.44 4.42
N LEU A 271 -1.20 32.72 4.60
CA LEU A 271 -1.97 33.44 3.59
C LEU A 271 -2.24 34.87 4.05
N VAL A 272 -1.87 35.87 3.25
CA VAL A 272 -1.80 37.25 3.72
C VAL A 272 -2.82 38.18 3.05
N VAL A 273 -3.52 39.02 3.81
CA VAL A 273 -4.35 40.10 3.26
C VAL A 273 -4.16 41.41 4.06
N LYS A 274 -3.53 42.43 3.47
CA LYS A 274 -3.22 43.68 4.14
C LYS A 274 -4.20 44.80 3.81
N GLU A 275 -4.62 45.59 4.79
CA GLU A 275 -5.40 46.79 4.56
C GLU A 275 -4.85 47.88 5.46
N GLY A 276 -4.38 49.00 4.93
CA GLY A 276 -3.76 50.04 5.73
C GLY A 276 -2.66 49.44 6.57
N THR A 277 -2.59 49.70 7.87
CA THR A 277 -1.55 49.11 8.74
C THR A 277 -1.95 47.73 9.25
N VAL A 278 -3.20 47.30 9.07
CA VAL A 278 -3.73 46.02 9.52
C VAL A 278 -3.28 44.92 8.58
N THR A 279 -2.77 43.78 9.05
CA THR A 279 -2.50 42.66 8.16
C THR A 279 -3.11 41.35 8.67
N LEU A 280 -4.08 40.76 7.97
CA LEU A 280 -4.71 39.52 8.41
C LEU A 280 -3.91 38.34 7.91
N SER A 281 -3.71 37.31 8.73
CA SER A 281 -2.87 36.20 8.32
C SER A 281 -3.54 34.86 8.60
N LYS A 282 -4.02 34.18 7.57
CA LYS A 282 -4.55 32.83 7.71
C LYS A 282 -3.38 31.86 7.65
N ASN A 283 -3.08 31.15 8.73
CA ASN A 283 -1.99 30.20 8.75
C ASN A 283 -2.53 28.80 8.59
N ILE A 284 -1.98 27.98 7.70
CA ILE A 284 -2.41 26.60 7.54
C ILE A 284 -1.27 25.67 7.96
N SER A 285 -1.49 24.71 8.86
CA SER A 285 -0.43 23.80 9.31
C SER A 285 -0.12 22.70 8.30
N LYS A 286 0.95 21.91 8.50
CA LYS A 286 1.27 20.77 7.63
C LYS A 286 0.12 19.77 7.63
N SER A 287 -0.56 19.56 8.76
CA SER A 287 -1.73 18.68 8.85
C SER A 287 -3.00 19.33 8.29
N GLY A 288 -2.93 20.51 7.70
CA GLY A 288 -4.11 21.23 7.19
C GLY A 288 -4.87 22.02 8.26
N GLU A 289 -4.40 22.10 9.49
CA GLU A 289 -5.05 22.88 10.54
C GLU A 289 -4.91 24.40 10.33
N VAL A 290 -6.01 25.11 10.14
CA VAL A 290 -6.02 26.56 9.96
C VAL A 290 -5.84 27.28 11.31
N SER A 291 -5.27 28.48 11.34
CA SER A 291 -5.27 29.38 12.51
C SER A 291 -5.03 30.81 12.06
N VAL A 292 -5.84 31.79 12.46
CA VAL A 292 -5.68 33.15 11.96
C VAL A 292 -5.09 34.07 13.02
N GLU A 293 -4.39 35.12 12.61
CA GLU A 293 -3.92 36.18 13.52
C GLU A 293 -3.94 37.52 12.79
N LEU A 294 -4.00 38.63 13.50
CA LEU A 294 -4.03 39.94 12.89
C LEU A 294 -2.99 40.78 13.58
N ASN A 295 -2.23 41.59 12.86
CA ASN A 295 -1.35 42.56 13.48
C ASN A 295 -1.55 43.94 12.89
N ASP A 296 -1.35 45.02 13.65
CA ASP A 296 -1.58 46.39 13.20
C ASP A 296 -0.40 47.28 13.57
N THR A 297 0.26 47.94 12.61
CA THR A 297 1.38 48.85 12.91
C THR A 297 0.90 50.04 13.74
N ASP A 298 -0.28 50.58 13.46
CA ASP A 298 -0.86 51.75 14.15
C ASP A 298 -0.56 51.75 15.65
N SER A 299 -0.11 52.88 16.21
CA SER A 299 0.15 53.01 17.64
C SER A 299 -1.05 53.63 18.32
N SER A 300 -1.74 54.59 17.68
CA SER A 300 -2.85 55.32 18.29
C SER A 300 -3.86 54.40 18.98
N ALA A 301 -3.74 54.19 20.29
CA ALA A 301 -4.70 53.40 21.06
C ALA A 301 -6.12 53.67 20.59
N ALA A 302 -6.46 54.90 20.22
CA ALA A 302 -7.79 55.26 19.69
C ALA A 302 -8.21 54.43 18.46
N THR A 303 -7.30 53.99 17.59
CA THR A 303 -7.66 53.21 16.40
C THR A 303 -6.91 51.88 16.19
N LYS A 304 -6.03 51.43 17.08
CA LYS A 304 -5.28 50.19 16.85
C LYS A 304 -6.19 48.97 16.87
N LYS A 305 -6.11 48.11 15.84
CA LYS A 305 -6.84 46.85 15.81
C LYS A 305 -6.04 45.75 16.47
N THR A 306 -6.52 45.16 17.56
CA THR A 306 -5.95 43.93 18.08
C THR A 306 -6.95 42.85 17.74
N ALA A 307 -6.59 41.58 17.72
CA ALA A 307 -7.56 40.54 17.49
C ALA A 307 -7.16 39.26 18.20
N ALA A 308 -8.10 38.56 18.84
CA ALA A 308 -7.83 37.29 19.51
C ALA A 308 -8.42 36.12 18.71
N TRP A 309 -7.71 34.99 18.63
CA TRP A 309 -8.15 33.85 17.85
C TRP A 309 -8.68 32.77 18.77
N ASN A 310 -9.84 32.19 18.51
CA ASN A 310 -10.32 31.06 19.29
C ASN A 310 -10.39 29.80 18.43
N SER A 311 -9.45 28.87 18.59
CA SER A 311 -9.33 27.71 17.70
C SER A 311 -10.50 26.77 17.87
N GLY A 312 -11.15 26.74 19.03
CA GLY A 312 -12.28 25.86 19.28
C GLY A 312 -13.45 26.15 18.35
N THR A 313 -13.64 27.39 17.90
CA THR A 313 -14.73 27.71 16.98
C THR A 313 -14.22 28.39 15.71
N SER A 314 -12.94 28.21 15.34
CA SER A 314 -12.35 28.78 14.12
C SER A 314 -12.71 30.25 13.94
N THR A 315 -12.76 31.04 15.00
CA THR A 315 -13.24 32.41 14.90
C THR A 315 -12.26 33.48 15.39
N LEU A 316 -12.17 34.61 14.70
CA LEU A 316 -11.34 35.74 15.10
C LEU A 316 -12.22 36.92 15.50
N THR A 317 -12.09 37.45 16.71
CA THR A 317 -12.82 38.65 17.11
C THR A 317 -11.86 39.82 17.02
N ILE A 318 -12.24 40.95 16.43
CA ILE A 318 -11.37 42.11 16.30
C ILE A 318 -11.71 43.12 17.37
N THR A 319 -10.73 43.79 17.98
CA THR A 319 -10.96 44.77 19.05
C THR A 319 -10.31 46.10 18.73
N VAL A 320 -11.05 47.20 18.77
CA VAL A 320 -10.48 48.54 18.73
C VAL A 320 -10.96 49.27 19.97
N ASN A 321 -10.10 49.96 20.70
CA ASN A 321 -10.50 50.80 21.82
C ASN A 321 -11.22 50.04 22.94
N SER A 322 -10.68 48.90 23.39
CA SER A 322 -11.24 48.07 24.47
C SER A 322 -12.62 47.50 24.16
N LYS A 323 -13.29 47.92 23.09
CA LYS A 323 -14.58 47.39 22.71
C LYS A 323 -14.41 46.42 21.55
N LYS A 324 -15.01 45.23 21.60
CA LYS A 324 -14.97 44.30 20.48
C LYS A 324 -15.66 44.90 19.26
N THR A 325 -15.11 44.79 18.04
CA THR A 325 -15.81 45.31 16.86
C THR A 325 -16.47 44.20 16.05
N LYS A 326 -15.75 43.18 15.57
CA LYS A 326 -16.32 42.20 14.64
C LYS A 326 -16.01 40.75 15.04
N ASP A 327 -16.74 39.77 14.53
CA ASP A 327 -16.27 38.40 14.49
C ASP A 327 -15.97 38.02 13.04
N LEU A 328 -14.80 37.46 12.74
CA LEU A 328 -14.52 36.86 11.45
C LEU A 328 -14.44 35.36 11.66
N VAL A 329 -15.43 34.60 11.25
CA VAL A 329 -15.48 33.15 11.48
C VAL A 329 -14.98 32.45 10.23
N PHE A 330 -14.04 31.50 10.34
CA PHE A 330 -13.49 30.80 9.18
C PHE A 330 -14.05 29.39 9.18
N THR A 331 -14.95 29.06 8.27
CA THR A 331 -15.86 27.92 8.46
C THR A 331 -15.32 26.60 7.97
N LYS A 332 -15.90 25.47 8.39
CA LYS A 332 -15.52 24.13 7.93
C LYS A 332 -15.86 23.90 6.45
N GLU A 333 -16.79 24.62 5.86
CA GLU A 333 -17.03 24.57 4.43
C GLU A 333 -16.08 25.52 3.68
N ASN A 334 -15.05 26.05 4.36
CA ASN A 334 -14.05 26.92 3.77
C ASN A 334 -14.52 28.32 3.37
N THR A 335 -15.44 28.93 4.13
CA THR A 335 -15.88 30.30 3.88
C THR A 335 -15.50 31.22 5.05
N ILE A 336 -15.71 32.53 4.93
CA ILE A 336 -15.50 33.48 6.02
C ILE A 336 -16.77 34.31 6.23
N THR A 337 -17.18 34.61 7.47
CA THR A 337 -18.38 35.40 7.71
C THR A 337 -18.12 36.56 8.67
N VAL A 338 -18.78 37.70 8.51
CA VAL A 338 -18.59 38.84 9.38
C VAL A 338 -19.85 39.07 10.16
N GLN A 339 -19.77 39.55 11.39
CA GLN A 339 -20.93 39.93 12.16
C GLN A 339 -20.46 41.03 13.08
N GLN A 340 -21.13 42.17 13.15
CA GLN A 340 -20.62 43.30 13.92
C GLN A 340 -21.01 43.18 15.38
N TYR A 341 -20.29 43.82 16.31
CA TYR A 341 -20.79 43.96 17.66
C TYR A 341 -21.69 45.20 17.80
N ASP A 342 -22.36 45.40 18.93
CA ASP A 342 -23.10 46.63 19.19
C ASP A 342 -22.12 47.77 19.48
N SER A 343 -22.53 49.02 19.64
CA SER A 343 -21.57 50.05 20.01
C SER A 343 -21.01 49.84 21.40
N ASN A 344 -21.68 49.11 22.29
CA ASN A 344 -21.14 48.84 23.59
C ASN A 344 -20.01 47.81 23.57
N GLY A 345 -19.83 47.08 22.48
CA GLY A 345 -18.70 46.16 22.30
C GLY A 345 -18.90 44.81 22.97
N THR A 346 -20.12 44.39 23.28
CA THR A 346 -20.34 43.14 24.00
C THR A 346 -21.34 42.24 23.30
N LYS A 347 -22.32 42.77 22.55
CA LYS A 347 -23.36 41.94 21.93
C LYS A 347 -23.22 41.82 20.41
N LEU A 348 -23.09 40.61 19.86
CA LEU A 348 -23.07 40.44 18.41
C LEU A 348 -24.39 40.91 17.85
N GLU A 349 -24.42 41.63 16.73
CA GLU A 349 -25.64 42.21 16.19
C GLU A 349 -25.94 41.67 14.80
N GLY A 350 -27.20 41.64 14.37
CA GLY A 350 -27.55 41.15 13.05
C GLY A 350 -27.34 39.66 12.96
N SER A 351 -27.15 39.11 11.78
CA SER A 351 -26.75 37.72 11.64
C SER A 351 -25.43 37.69 10.88
N ALA A 352 -24.60 36.67 11.07
CA ALA A 352 -23.33 36.55 10.35
C ALA A 352 -23.54 36.72 8.84
N VAL A 353 -22.64 37.38 8.11
CA VAL A 353 -22.82 37.58 6.69
C VAL A 353 -21.65 36.95 5.96
N GLU A 354 -21.87 36.19 4.90
CA GLU A 354 -20.78 35.50 4.22
C GLU A 354 -19.99 36.46 3.35
N ILE A 355 -18.66 36.48 3.45
CA ILE A 355 -17.81 37.28 2.59
C ILE A 355 -17.65 36.61 1.23
N THR A 356 -17.77 37.34 0.12
CA THR A 356 -17.70 36.75 -1.22
C THR A 356 -16.64 37.46 -2.05
N LYS A 357 -16.17 38.64 -1.66
CA LYS A 357 -15.17 39.39 -2.42
C LYS A 357 -13.91 39.57 -1.59
N LEU A 358 -12.74 39.71 -2.22
CA LEU A 358 -11.51 40.04 -1.49
C LEU A 358 -11.64 41.45 -0.89
N ASP A 359 -12.23 42.41 -1.60
CA ASP A 359 -12.56 43.70 -1.02
C ASP A 359 -13.30 43.53 0.29
N GLU A 360 -14.28 42.63 0.38
CA GLU A 360 -15.07 42.46 1.61
C GLU A 360 -14.21 42.02 2.79
N ILE A 361 -13.20 41.17 2.62
CA ILE A 361 -12.25 40.86 3.69
C ILE A 361 -11.49 42.12 4.00
N LYS A 362 -10.93 42.79 3.01
CA LYS A 362 -10.16 44.01 3.23
C LYS A 362 -11.02 45.02 3.97
N ASN A 363 -12.18 45.38 3.43
CA ASN A 363 -13.07 46.34 4.04
C ASN A 363 -13.42 46.00 5.49
N ALA A 364 -13.38 44.74 5.91
CA ALA A 364 -13.62 44.38 7.29
C ALA A 364 -12.39 44.69 8.13
N LEU A 365 -11.21 44.69 7.55
CA LEU A 365 -10.00 44.97 8.30
C LEU A 365 -9.84 46.46 8.54
N LYS A 366 -10.58 47.33 7.85
CA LYS A 366 -10.45 48.78 8.05
C LYS A 366 -10.77 49.18 9.48
N ASN B 6 6.66 -23.47 -58.80
CA ASN B 6 6.79 -24.85 -58.24
C ASN B 6 6.47 -24.98 -56.74
N SER B 7 6.37 -23.89 -55.97
CA SER B 7 6.08 -23.96 -54.52
C SER B 7 5.36 -22.72 -54.00
N VAL B 8 4.47 -22.82 -53.00
CA VAL B 8 3.91 -21.62 -52.38
C VAL B 8 4.54 -21.34 -51.02
N SER B 9 4.44 -20.13 -50.47
CA SER B 9 4.98 -19.79 -49.16
C SER B 9 3.92 -19.81 -48.09
N VAL B 10 4.23 -20.26 -46.87
CA VAL B 10 3.34 -20.09 -45.73
C VAL B 10 4.09 -19.32 -44.66
N ASP B 11 3.67 -18.13 -44.27
CA ASP B 11 4.39 -17.36 -43.25
C ASP B 11 3.96 -17.71 -41.82
N LEU B 12 4.89 -17.77 -40.86
CA LEU B 12 4.70 -18.47 -39.58
C LEU B 12 5.05 -17.62 -38.36
N PRO B 13 4.50 -17.98 -37.20
CA PRO B 13 4.83 -17.30 -35.95
C PRO B 13 6.34 -17.16 -35.76
N GLY B 14 6.83 -16.00 -35.31
CA GLY B 14 8.28 -15.76 -35.13
C GLY B 14 8.92 -15.11 -36.35
N GLU B 15 8.13 -14.49 -37.25
CA GLU B 15 8.58 -14.08 -38.58
C GLU B 15 9.39 -15.16 -39.30
N MET B 16 8.79 -16.24 -39.75
CA MET B 16 9.45 -17.10 -40.72
C MET B 16 8.49 -17.64 -41.76
N LYS B 17 8.97 -18.06 -42.91
CA LYS B 17 8.13 -18.59 -43.95
C LYS B 17 8.52 -20.03 -44.14
N VAL B 18 7.60 -20.93 -44.46
CA VAL B 18 7.96 -22.27 -44.86
C VAL B 18 7.49 -22.44 -46.29
N LEU B 19 8.26 -23.09 -47.16
CA LEU B 19 7.86 -23.28 -48.53
C LEU B 19 7.35 -24.70 -48.72
N VAL B 20 6.13 -24.89 -49.22
CA VAL B 20 5.59 -26.21 -49.47
C VAL B 20 5.62 -26.49 -50.96
N SER B 21 5.99 -27.70 -51.37
CA SER B 21 5.92 -28.11 -52.75
C SER B 21 4.48 -27.97 -53.25
N LYS B 22 4.25 -27.53 -54.48
CA LYS B 22 2.92 -27.51 -55.07
C LYS B 22 2.42 -28.95 -55.24
N GLU B 23 3.09 -29.79 -56.04
CA GLU B 23 2.67 -31.17 -56.27
C GLU B 23 3.35 -32.17 -55.32
N LYS B 24 2.70 -33.29 -54.98
CA LYS B 24 3.27 -34.33 -54.10
C LYS B 24 4.51 -34.97 -54.73
N ASN B 25 5.49 -35.43 -53.94
CA ASN B 25 6.74 -35.96 -54.50
C ASN B 25 6.79 -37.48 -54.68
N LYS B 26 7.94 -38.05 -55.03
CA LYS B 26 8.11 -39.49 -55.30
C LYS B 26 7.60 -40.38 -54.17
N ASP B 27 7.79 -40.03 -52.90
CA ASP B 27 7.35 -40.86 -51.77
C ASP B 27 5.85 -40.71 -51.51
N GLY B 28 5.16 -39.76 -52.13
CA GLY B 28 3.78 -39.44 -51.78
C GLY B 28 3.78 -38.46 -50.62
N LYS B 29 4.74 -37.53 -50.57
CA LYS B 29 4.96 -36.61 -49.44
C LYS B 29 5.18 -35.17 -49.93
N TYR B 30 4.85 -34.15 -49.15
CA TYR B 30 5.11 -32.76 -49.56
C TYR B 30 6.48 -32.29 -49.08
N ASP B 31 7.35 -31.81 -49.97
CA ASP B 31 8.68 -31.34 -49.59
C ASP B 31 8.58 -30.00 -48.86
N LEU B 32 9.41 -29.73 -47.87
CA LEU B 32 9.38 -28.48 -47.13
C LEU B 32 10.76 -27.86 -47.03
N ILE B 33 10.90 -26.56 -47.20
CA ILE B 33 12.20 -25.89 -47.10
C ILE B 33 12.09 -24.52 -46.43
N ALA B 34 12.89 -24.24 -45.40
CA ALA B 34 12.88 -22.94 -44.73
C ALA B 34 14.28 -22.43 -44.39
N THR B 35 14.47 -21.11 -44.23
CA THR B 35 15.75 -20.54 -43.85
C THR B 35 15.64 -19.85 -42.49
N VAL B 36 16.36 -20.30 -41.47
CA VAL B 36 16.25 -19.76 -40.12
C VAL B 36 17.64 -19.42 -39.59
N ASP B 37 17.88 -18.23 -39.05
CA ASP B 37 19.21 -17.80 -38.58
C ASP B 37 20.28 -18.02 -39.66
N LYS B 38 20.01 -17.70 -40.93
CA LYS B 38 20.96 -17.89 -42.04
C LYS B 38 21.22 -19.36 -42.41
N LEU B 39 20.39 -20.31 -41.97
CA LEU B 39 20.60 -21.74 -42.22
C LEU B 39 19.42 -22.38 -42.96
N GLU B 40 19.65 -23.18 -44.00
CA GLU B 40 18.55 -23.79 -44.75
C GLU B 40 18.08 -25.09 -44.10
N LEU B 41 16.78 -25.33 -44.00
CA LEU B 41 16.25 -26.55 -43.39
C LEU B 41 15.40 -27.36 -44.38
N LYS B 42 15.43 -28.69 -44.34
CA LYS B 42 14.73 -29.54 -45.32
C LYS B 42 13.73 -30.42 -44.61
N GLY B 43 12.53 -30.65 -45.14
CA GLY B 43 11.58 -31.53 -44.49
C GLY B 43 10.52 -32.10 -45.39
N THR B 44 9.77 -33.12 -44.95
CA THR B 44 8.62 -33.61 -45.69
C THR B 44 7.44 -33.70 -44.71
N SER B 45 6.21 -33.93 -45.17
CA SER B 45 5.08 -34.24 -44.29
C SER B 45 3.95 -34.83 -45.11
N ASP B 46 2.84 -35.20 -44.50
CA ASP B 46 1.68 -35.64 -45.25
C ASP B 46 0.86 -34.43 -45.72
N LYS B 47 1.05 -33.24 -45.16
CA LYS B 47 0.19 -32.08 -45.45
C LYS B 47 0.81 -31.02 -46.38
N ASN B 48 0.01 -30.16 -47.01
CA ASN B 48 0.48 -29.09 -47.90
C ASN B 48 0.30 -27.69 -47.32
N ASN B 49 -0.25 -27.56 -46.10
CA ASN B 49 -0.54 -26.26 -45.49
C ASN B 49 0.70 -25.58 -44.91
N GLY B 50 1.82 -26.27 -44.76
CA GLY B 50 3.00 -25.68 -44.14
C GLY B 50 3.36 -26.38 -42.84
N SER B 51 2.50 -27.22 -42.29
CA SER B 51 2.76 -27.97 -41.05
C SER B 51 3.93 -28.95 -41.18
N GLY B 52 4.25 -29.74 -40.15
CA GLY B 52 5.25 -30.80 -40.28
C GLY B 52 6.56 -30.47 -39.60
N VAL B 53 7.69 -31.03 -40.04
CA VAL B 53 8.98 -30.89 -39.34
C VAL B 53 10.16 -30.71 -40.30
N LEU B 54 11.13 -29.84 -40.01
CA LEU B 54 12.29 -29.64 -40.90
C LEU B 54 13.63 -29.79 -40.17
N GLU B 55 14.59 -30.54 -40.71
CA GLU B 55 15.92 -30.65 -40.12
C GLU B 55 16.96 -29.84 -40.87
N GLY B 56 18.12 -29.60 -40.27
CA GLY B 56 19.24 -28.91 -40.91
C GLY B 56 20.44 -29.06 -40.00
N VAL B 57 21.67 -29.01 -40.51
CA VAL B 57 22.85 -29.16 -39.67
C VAL B 57 23.67 -27.87 -39.70
N LYS B 58 24.12 -27.35 -38.56
CA LYS B 58 24.91 -26.13 -38.50
C LYS B 58 26.34 -26.35 -38.95
N ALA B 59 27.07 -25.30 -39.35
CA ALA B 59 28.47 -25.39 -39.69
C ALA B 59 29.30 -25.99 -38.55
N ASP B 60 28.87 -25.92 -37.30
CA ASP B 60 29.62 -26.49 -36.19
C ASP B 60 29.10 -27.89 -35.83
N LYS B 61 28.40 -28.56 -36.74
CA LYS B 61 27.87 -29.92 -36.54
C LYS B 61 26.70 -30.00 -35.55
N SER B 62 26.21 -28.89 -34.98
CA SER B 62 25.02 -28.93 -34.13
C SER B 62 23.80 -29.30 -34.97
N LYS B 63 22.83 -30.05 -34.46
CA LYS B 63 21.62 -30.39 -35.24
C LYS B 63 20.44 -29.46 -34.95
N VAL B 64 19.76 -28.93 -35.97
CA VAL B 64 18.67 -27.96 -35.80
C VAL B 64 17.35 -28.62 -36.18
N LYS B 65 16.30 -28.53 -35.37
CA LYS B 65 15.04 -29.17 -35.69
C LYS B 65 13.94 -28.12 -35.62
N LEU B 66 13.35 -27.70 -36.73
CA LEU B 66 12.18 -26.84 -36.71
C LEU B 66 10.95 -27.73 -36.71
N THR B 67 9.93 -27.45 -35.91
CA THR B 67 8.69 -28.22 -35.91
C THR B 67 7.50 -27.28 -35.95
N ILE B 68 6.71 -27.31 -37.01
CA ILE B 68 5.56 -26.44 -37.13
C ILE B 68 4.33 -27.28 -36.85
N SER B 69 3.39 -26.82 -36.02
CA SER B 69 2.22 -27.61 -35.65
C SER B 69 1.18 -27.62 -36.76
N ASP B 70 0.26 -28.58 -36.77
CA ASP B 70 -0.70 -28.70 -37.88
C ASP B 70 -1.53 -27.45 -38.14
N ASP B 71 -1.99 -26.72 -37.13
CA ASP B 71 -2.79 -25.51 -37.35
C ASP B 71 -1.93 -24.28 -37.65
N LEU B 72 -0.59 -24.42 -37.68
CA LEU B 72 0.35 -23.34 -37.98
C LEU B 72 0.36 -22.24 -36.91
N GLY B 73 -0.08 -22.52 -35.68
CA GLY B 73 -0.12 -21.49 -34.65
C GLY B 73 1.02 -21.61 -33.67
N GLN B 74 2.03 -22.44 -33.93
CA GLN B 74 3.12 -22.62 -32.99
C GLN B 74 4.34 -23.17 -33.72
N THR B 75 5.47 -22.49 -33.76
CA THR B 75 6.69 -23.11 -34.26
C THR B 75 7.55 -23.57 -33.10
N THR B 76 8.14 -24.75 -33.16
CA THR B 76 9.11 -25.17 -32.15
C THR B 76 10.51 -25.26 -32.78
N LEU B 77 11.48 -24.49 -32.32
CA LEU B 77 12.80 -24.52 -32.93
C LEU B 77 13.84 -25.12 -31.99
N GLU B 78 14.35 -26.32 -32.27
CA GLU B 78 15.25 -27.00 -31.37
C GLU B 78 16.67 -26.98 -31.89
N VAL B 79 17.68 -26.81 -31.04
CA VAL B 79 19.06 -26.91 -31.46
C VAL B 79 19.70 -28.04 -30.65
N PHE B 80 20.07 -29.15 -31.28
CA PHE B 80 20.67 -30.29 -30.59
C PHE B 80 22.17 -30.29 -30.78
N LYS B 81 22.94 -30.96 -29.93
CA LYS B 81 24.35 -31.15 -30.15
C LYS B 81 24.57 -32.04 -31.39
N GLU B 82 25.77 -32.56 -31.63
CA GLU B 82 26.03 -33.37 -32.80
C GLU B 82 25.25 -34.70 -32.77
N ASP B 83 24.87 -35.22 -31.60
CA ASP B 83 24.32 -36.56 -31.47
C ASP B 83 22.81 -36.65 -31.64
N GLY B 84 22.07 -35.53 -31.71
CA GLY B 84 20.63 -35.58 -31.92
C GLY B 84 19.82 -35.68 -30.65
N LYS B 85 20.32 -36.32 -29.58
CA LYS B 85 19.56 -36.49 -28.35
C LYS B 85 19.72 -35.27 -27.42
N THR B 86 20.93 -34.76 -27.23
CA THR B 86 21.26 -33.78 -26.20
C THR B 86 20.88 -32.36 -26.63
N LEU B 87 20.14 -31.61 -25.81
CA LEU B 87 19.58 -30.31 -26.21
C LEU B 87 20.50 -29.15 -25.94
N VAL B 88 20.41 -28.07 -26.69
CA VAL B 88 21.22 -26.89 -26.45
C VAL B 88 20.29 -25.72 -26.20
N SER B 89 19.26 -25.53 -27.02
CA SER B 89 18.33 -24.44 -26.87
C SER B 89 17.00 -24.80 -27.50
N LYS B 90 15.88 -24.37 -26.93
CA LYS B 90 14.57 -24.63 -27.52
C LYS B 90 13.78 -23.35 -27.48
N LYS B 91 13.16 -22.89 -28.56
CA LYS B 91 12.31 -21.71 -28.53
C LYS B 91 10.91 -22.07 -29.01
N VAL B 92 9.87 -21.87 -28.22
CA VAL B 92 8.51 -22.11 -28.67
C VAL B 92 7.91 -20.76 -28.98
N THR B 93 7.32 -20.53 -30.16
CA THR B 93 6.71 -19.25 -30.48
C THR B 93 5.27 -19.42 -30.91
N SER B 94 4.38 -18.46 -30.68
CA SER B 94 2.98 -18.64 -31.01
C SER B 94 2.40 -17.49 -31.84
N LYS B 95 1.21 -17.65 -32.39
CA LYS B 95 0.61 -16.65 -33.27
C LYS B 95 0.54 -15.31 -32.56
N ASP B 96 0.21 -15.26 -31.27
CA ASP B 96 0.09 -14.02 -30.51
C ASP B 96 1.46 -13.46 -30.15
N LYS B 97 2.56 -13.92 -30.75
CA LYS B 97 3.90 -13.39 -30.48
C LYS B 97 4.51 -13.82 -29.14
N SER B 98 3.77 -14.46 -28.24
CA SER B 98 4.32 -14.93 -26.96
C SER B 98 5.39 -15.97 -27.23
N SER B 99 6.27 -16.32 -26.29
CA SER B 99 7.31 -17.32 -26.56
C SER B 99 7.84 -18.00 -25.30
N THR B 100 8.59 -19.10 -25.44
CA THR B 100 9.29 -19.71 -24.32
C THR B 100 10.67 -20.11 -24.80
N GLU B 101 11.73 -19.44 -24.35
CA GLU B 101 13.08 -19.74 -24.79
C GLU B 101 13.78 -20.53 -23.71
N GLU B 102 14.54 -21.57 -24.04
CA GLU B 102 15.19 -22.40 -23.04
C GLU B 102 16.67 -22.57 -23.32
N LYS B 103 17.52 -22.51 -22.30
CA LYS B 103 18.92 -22.85 -22.44
C LYS B 103 19.21 -24.10 -21.65
N PHE B 104 20.24 -24.86 -22.00
CA PHE B 104 20.53 -26.12 -21.33
C PHE B 104 21.99 -26.24 -21.04
N ASN B 105 22.41 -26.97 -20.00
CA ASN B 105 23.83 -27.17 -19.73
C ASN B 105 24.44 -28.13 -20.75
N GLU B 106 25.57 -28.76 -20.47
CA GLU B 106 26.18 -29.63 -21.46
C GLU B 106 25.74 -31.07 -21.25
N LYS B 107 24.66 -31.33 -20.51
CA LYS B 107 24.08 -32.66 -20.38
C LYS B 107 22.68 -32.68 -20.97
N GLY B 108 22.26 -31.66 -21.71
CA GLY B 108 20.90 -31.58 -22.27
C GLY B 108 19.88 -31.28 -21.19
N GLU B 109 20.32 -30.78 -20.04
CA GLU B 109 19.48 -30.55 -18.87
C GLU B 109 19.30 -29.05 -18.66
N LEU B 110 18.19 -28.60 -18.09
CA LEU B 110 17.80 -27.18 -18.09
C LEU B 110 18.79 -26.21 -17.44
N SER B 111 19.17 -25.12 -18.09
CA SER B 111 19.90 -24.02 -17.47
C SER B 111 18.95 -22.88 -17.24
N GLU B 112 18.38 -22.30 -18.29
CA GLU B 112 17.57 -21.08 -18.19
C GLU B 112 16.20 -21.30 -18.82
N LYS B 113 15.13 -20.67 -18.33
CA LYS B 113 13.85 -20.68 -18.99
C LYS B 113 13.20 -19.29 -18.95
N LYS B 114 12.83 -18.70 -20.08
CA LYS B 114 12.15 -17.42 -20.10
C LYS B 114 10.78 -17.63 -20.73
N ILE B 115 9.68 -17.15 -20.13
CA ILE B 115 8.41 -17.18 -20.81
C ILE B 115 7.96 -15.77 -21.11
N THR B 116 7.75 -15.39 -22.37
CA THR B 116 7.38 -14.04 -22.70
C THR B 116 5.92 -14.01 -23.13
N ARG B 117 5.10 -13.12 -22.62
CA ARG B 117 3.69 -13.14 -22.99
C ARG B 117 3.38 -12.15 -24.11
N ALA B 118 2.21 -12.20 -24.74
CA ALA B 118 1.89 -11.28 -25.82
C ALA B 118 2.03 -9.82 -25.41
N ASP B 119 1.74 -9.44 -24.16
CA ASP B 119 1.93 -8.08 -23.68
C ASP B 119 3.39 -7.83 -23.32
N LYS B 120 4.32 -8.62 -23.87
CA LYS B 120 5.76 -8.49 -23.61
C LYS B 120 6.20 -8.75 -22.18
N SER B 121 5.33 -8.99 -21.20
CA SER B 121 5.77 -9.34 -19.85
C SER B 121 6.46 -10.71 -19.86
N SER B 122 7.16 -11.12 -18.81
CA SER B 122 7.94 -12.34 -18.86
C SER B 122 8.31 -12.78 -17.47
N THR B 123 8.45 -14.08 -17.20
CA THR B 123 9.15 -14.53 -16.00
C THR B 123 10.38 -15.33 -16.43
N GLU B 124 11.51 -15.21 -15.74
CA GLU B 124 12.75 -15.88 -16.10
C GLU B 124 13.25 -16.74 -14.95
N GLU B 125 13.90 -17.88 -15.21
CA GLU B 125 14.43 -18.72 -14.14
C GLU B 125 15.76 -19.32 -14.53
N LYS B 126 16.73 -19.41 -13.62
CA LYS B 126 18.00 -20.05 -13.88
C LYS B 126 18.19 -21.22 -12.93
N PHE B 127 18.80 -22.33 -13.34
CA PHE B 127 19.03 -23.45 -12.45
C PHE B 127 20.51 -23.81 -12.43
N ASN B 128 21.11 -24.09 -11.28
CA ASN B 128 22.52 -24.52 -11.25
C ASN B 128 22.69 -25.93 -11.82
N GLU B 129 23.88 -26.53 -11.77
CA GLU B 129 24.08 -27.86 -12.34
C GLU B 129 23.38 -28.94 -11.51
N LYS B 130 23.03 -28.67 -10.25
CA LYS B 130 22.27 -29.62 -9.43
C LYS B 130 20.77 -29.46 -9.70
N GLY B 131 20.34 -28.52 -10.54
CA GLY B 131 18.93 -28.34 -10.86
C GLY B 131 18.16 -27.50 -9.84
N GLU B 132 18.81 -26.83 -8.91
CA GLU B 132 18.13 -26.04 -7.90
C GLU B 132 18.08 -24.60 -8.35
N LEU B 133 16.97 -23.89 -8.10
CA LEU B 133 16.80 -22.49 -8.48
C LEU B 133 17.97 -21.63 -8.00
N SER B 134 18.44 -20.68 -8.78
CA SER B 134 19.47 -19.76 -8.35
C SER B 134 18.93 -18.35 -8.41
N GLU B 135 18.21 -17.97 -9.46
CA GLU B 135 17.56 -16.65 -9.54
C GLU B 135 16.24 -16.71 -10.31
N LYS B 136 15.26 -15.87 -9.96
CA LYS B 136 14.02 -15.79 -10.68
C LYS B 136 13.73 -14.33 -10.92
N LYS B 137 13.29 -13.92 -12.11
CA LYS B 137 13.00 -12.51 -12.38
C LYS B 137 11.62 -12.39 -12.99
N ILE B 138 10.74 -11.53 -12.48
CA ILE B 138 9.41 -11.36 -13.08
C ILE B 138 9.26 -9.96 -13.69
N THR B 139 9.28 -9.81 -15.01
CA THR B 139 9.11 -8.50 -15.63
C THR B 139 7.66 -8.30 -16.04
N ARG B 140 7.01 -7.19 -15.68
CA ARG B 140 5.58 -7.02 -15.92
C ARG B 140 5.27 -6.29 -17.22
N ALA B 141 4.01 -6.12 -17.60
CA ALA B 141 3.65 -5.42 -18.82
C ALA B 141 4.30 -4.04 -18.87
N ASP B 142 4.36 -3.30 -17.75
CA ASP B 142 4.88 -1.94 -17.73
C ASP B 142 6.37 -1.89 -17.37
N LYS B 143 7.18 -2.84 -17.83
CA LYS B 143 8.64 -2.86 -17.60
C LYS B 143 9.06 -2.96 -16.12
N SER B 144 8.15 -2.88 -15.15
CA SER B 144 8.51 -3.02 -13.73
C SER B 144 9.01 -4.44 -13.44
N SER B 145 9.84 -4.66 -12.43
CA SER B 145 10.48 -5.96 -12.26
C SER B 145 10.62 -6.37 -10.81
N THR B 146 10.47 -7.66 -10.47
CA THR B 146 10.93 -8.16 -9.17
C THR B 146 11.95 -9.28 -9.39
N GLU B 147 13.20 -9.11 -8.97
CA GLU B 147 14.24 -10.14 -9.14
C GLU B 147 14.48 -10.81 -7.80
N GLU B 148 14.55 -12.13 -7.71
CA GLU B 148 14.96 -12.76 -6.46
C GLU B 148 16.05 -13.81 -6.62
N LYS B 149 17.07 -13.82 -5.75
CA LYS B 149 18.17 -14.76 -5.84
C LYS B 149 18.05 -15.89 -4.81
N PHE B 150 18.70 -17.02 -5.01
CA PHE B 150 18.58 -18.15 -4.10
C PHE B 150 19.93 -18.81 -3.82
N ASN B 151 20.12 -19.45 -2.67
CA ASN B 151 21.37 -20.17 -2.43
C ASN B 151 21.30 -21.60 -2.99
N GLU B 152 22.30 -22.44 -2.75
CA GLU B 152 22.31 -23.82 -3.26
C GLU B 152 21.25 -24.68 -2.60
N LYS B 153 20.85 -24.43 -1.35
CA LYS B 153 19.80 -25.19 -0.69
C LYS B 153 18.40 -24.60 -1.02
N GLY B 154 18.20 -24.04 -2.20
CA GLY B 154 16.90 -23.54 -2.64
C GLY B 154 16.30 -22.39 -1.84
N GLU B 155 16.94 -21.92 -0.77
CA GLU B 155 16.35 -20.88 0.08
C GLU B 155 16.55 -19.47 -0.48
N LEU B 156 15.67 -18.52 -0.15
CA LEU B 156 15.71 -17.15 -0.67
C LEU B 156 16.85 -16.35 -0.04
N SER B 157 17.51 -15.45 -0.77
CA SER B 157 18.56 -14.62 -0.19
C SER B 157 18.40 -13.15 -0.54
N GLU B 158 17.70 -12.80 -1.62
CA GLU B 158 17.62 -11.42 -2.08
C GLU B 158 16.32 -11.17 -2.81
N LYS B 159 15.62 -10.07 -2.56
CA LYS B 159 14.46 -9.72 -3.36
C LYS B 159 14.52 -8.24 -3.68
N LYS B 160 14.21 -7.84 -4.91
CA LYS B 160 14.31 -6.45 -5.30
C LYS B 160 13.09 -6.10 -6.15
N ILE B 161 12.05 -5.47 -5.60
CA ILE B 161 10.94 -4.98 -6.41
C ILE B 161 11.34 -3.66 -7.06
N THR B 162 11.14 -3.49 -8.37
CA THR B 162 11.35 -2.19 -9.02
C THR B 162 9.99 -1.62 -9.45
N ARG B 163 9.63 -0.41 -9.06
CA ARG B 163 8.31 0.16 -9.32
C ARG B 163 8.23 0.80 -10.70
N ALA B 164 7.04 1.09 -11.23
CA ALA B 164 6.94 1.81 -12.48
C ALA B 164 7.60 3.20 -12.35
N ASP B 165 7.56 3.83 -11.18
CA ASP B 165 8.16 5.16 -10.96
C ASP B 165 9.63 5.07 -10.56
N LYS B 166 10.38 4.07 -11.03
CA LYS B 166 11.80 3.88 -10.74
C LYS B 166 12.06 3.57 -9.27
N SER B 167 11.10 3.79 -8.37
CA SER B 167 11.27 3.51 -6.94
C SER B 167 11.50 2.03 -6.68
N SER B 168 12.47 1.63 -5.87
CA SER B 168 12.75 0.21 -5.66
C SER B 168 12.69 -0.22 -4.20
N THR B 169 12.40 -1.48 -3.91
CA THR B 169 12.50 -2.01 -2.54
C THR B 169 13.45 -3.21 -2.51
N GLU B 170 14.45 -3.24 -1.64
CA GLU B 170 15.40 -4.36 -1.60
C GLU B 170 15.26 -5.12 -0.29
N GLU B 171 15.22 -6.46 -0.30
CA GLU B 171 14.99 -7.23 0.91
C GLU B 171 16.04 -8.33 1.08
N LYS B 172 16.85 -8.31 2.13
CA LYS B 172 17.81 -9.38 2.37
C LYS B 172 17.21 -10.46 3.25
N PHE B 173 17.64 -11.72 3.12
CA PHE B 173 17.15 -12.81 3.96
C PHE B 173 18.35 -13.58 4.49
N ASN B 174 18.30 -14.17 5.68
CA ASN B 174 19.41 -14.96 6.18
C ASN B 174 19.56 -16.29 5.44
N GLU B 175 20.48 -17.17 5.83
CA GLU B 175 20.56 -18.50 5.25
C GLU B 175 19.25 -19.27 5.44
N LYS B 176 18.42 -18.91 6.43
CA LYS B 176 17.16 -19.61 6.72
C LYS B 176 15.99 -19.06 5.92
N GLY B 177 16.18 -18.06 5.05
CA GLY B 177 15.08 -17.49 4.29
C GLY B 177 14.21 -16.56 5.11
N GLU B 178 14.51 -16.30 6.38
CA GLU B 178 13.78 -15.32 7.19
C GLU B 178 14.21 -13.90 6.82
N LEU B 179 13.32 -12.91 6.81
CA LEU B 179 13.64 -11.54 6.46
C LEU B 179 14.63 -10.96 7.45
N SER B 180 15.81 -10.50 7.02
CA SER B 180 16.79 -9.94 7.95
C SER B 180 16.79 -8.42 7.86
N GLU B 181 16.36 -7.83 6.74
CA GLU B 181 16.47 -6.39 6.51
C GLU B 181 15.68 -5.93 5.28
N LYS B 182 15.10 -4.72 5.27
CA LYS B 182 14.23 -4.26 4.18
C LYS B 182 14.39 -2.76 3.91
N LYS B 183 14.71 -2.33 2.70
CA LYS B 183 14.86 -0.90 2.42
C LYS B 183 14.09 -0.45 1.19
N ILE B 184 13.05 0.38 1.32
CA ILE B 184 12.45 1.10 0.20
C ILE B 184 13.43 2.20 -0.20
N THR B 185 13.63 2.48 -1.47
CA THR B 185 14.42 3.65 -1.88
C THR B 185 13.68 4.38 -3.01
N ARG B 186 12.99 5.48 -2.73
CA ARG B 186 12.05 6.10 -3.66
C ARG B 186 12.70 6.99 -4.73
N ALA B 187 11.93 7.62 -5.62
CA ALA B 187 12.47 8.49 -6.67
C ALA B 187 13.03 9.81 -6.11
N ASP B 188 12.71 10.16 -4.87
CA ASP B 188 13.19 11.39 -4.22
C ASP B 188 14.68 11.32 -3.92
N LYS B 189 15.29 10.12 -3.93
CA LYS B 189 16.56 9.80 -3.27
C LYS B 189 16.27 9.46 -1.81
N SER B 190 15.06 9.70 -1.31
CA SER B 190 14.69 9.40 0.07
C SER B 190 14.54 7.89 0.24
N SER B 191 14.37 7.39 1.46
CA SER B 191 14.33 5.96 1.70
C SER B 191 13.76 5.60 3.07
N THR B 192 13.16 4.43 3.23
CA THR B 192 12.81 3.94 4.55
C THR B 192 13.47 2.58 4.72
N GLU B 193 14.19 2.34 5.81
CA GLU B 193 14.99 1.16 5.95
C GLU B 193 14.64 0.49 7.26
N GLU B 194 14.43 -0.82 7.29
CA GLU B 194 14.10 -1.53 8.52
C GLU B 194 15.03 -2.69 8.73
N LYS B 195 15.50 -2.92 9.94
CA LYS B 195 16.26 -4.11 10.25
C LYS B 195 15.36 -5.06 11.04
N PHE B 196 15.53 -6.37 10.91
CA PHE B 196 14.68 -7.29 11.65
C PHE B 196 15.50 -8.19 12.53
N ASN B 197 15.04 -8.51 13.74
CA ASN B 197 15.85 -9.26 14.71
C ASN B 197 15.94 -10.76 14.42
N GLU B 198 16.51 -11.54 15.33
CA GLU B 198 16.61 -12.99 15.21
C GLU B 198 15.24 -13.68 15.35
N LYS B 199 14.15 -12.93 15.61
CA LYS B 199 12.83 -13.52 15.86
C LYS B 199 11.84 -13.07 14.80
N GLY B 200 12.25 -12.27 13.83
CA GLY B 200 11.34 -11.76 12.79
C GLY B 200 10.74 -10.41 13.18
N GLU B 201 11.07 -9.86 14.34
CA GLU B 201 10.50 -8.59 14.80
C GLU B 201 11.32 -7.39 14.33
N LEU B 202 10.75 -6.19 14.37
CA LEU B 202 11.45 -4.97 14.01
C LEU B 202 12.48 -4.61 15.08
N SER B 203 13.72 -4.33 14.74
CA SER B 203 14.73 -3.91 15.71
C SER B 203 15.20 -2.48 15.46
N GLU B 204 15.02 -1.92 14.26
CA GLU B 204 15.62 -0.65 13.86
C GLU B 204 14.85 -0.05 12.69
N LYS B 205 14.52 1.24 12.67
CA LYS B 205 13.80 1.85 11.53
C LYS B 205 14.35 3.25 11.19
N LYS B 206 14.81 3.51 9.97
CA LYS B 206 15.36 4.82 9.63
C LYS B 206 14.68 5.40 8.40
N ILE B 207 13.86 6.44 8.54
CA ILE B 207 13.29 7.13 7.38
C ILE B 207 14.24 8.23 6.97
N THR B 208 14.96 8.12 5.86
CA THR B 208 15.78 9.23 5.36
C THR B 208 14.94 10.10 4.41
N ARG B 209 15.06 11.42 4.45
CA ARG B 209 14.30 12.28 3.55
C ARG B 209 15.15 12.89 2.44
N ALA B 210 14.56 13.34 1.34
CA ALA B 210 15.27 13.82 0.15
C ALA B 210 16.30 14.89 0.47
N ASP B 211 16.06 15.78 1.42
CA ASP B 211 17.06 16.75 1.87
C ASP B 211 18.08 16.16 2.85
N LYS B 212 18.47 14.89 2.72
CA LYS B 212 19.53 14.25 3.52
C LYS B 212 19.16 14.10 4.99
N SER B 213 18.10 14.76 5.47
CA SER B 213 17.65 14.64 6.85
C SER B 213 17.19 13.21 7.16
N SER B 214 17.09 12.79 8.42
CA SER B 214 16.63 11.42 8.73
C SER B 214 16.09 11.27 10.15
N THR B 215 15.22 10.30 10.40
CA THR B 215 14.75 10.01 11.74
C THR B 215 14.92 8.52 11.95
N GLU B 216 15.49 8.08 13.07
CA GLU B 216 15.78 6.66 13.27
C GLU B 216 15.34 6.18 14.65
N GLU B 217 14.62 5.07 14.73
CA GLU B 217 14.11 4.56 16.02
C GLU B 217 14.61 3.16 16.32
N LYS B 218 15.09 2.87 17.52
CA LYS B 218 15.38 1.49 17.91
C LYS B 218 14.15 0.89 18.57
N PHE B 219 13.85 -0.39 18.37
CA PHE B 219 12.72 -1.02 19.03
C PHE B 219 13.19 -2.04 20.06
N ASN B 220 12.41 -2.36 21.08
CA ASN B 220 12.82 -3.28 22.14
C ASN B 220 12.03 -4.58 22.15
N GLU B 221 12.24 -5.46 23.12
CA GLU B 221 11.47 -6.70 23.27
C GLU B 221 9.97 -6.38 23.20
N LYS B 222 9.50 -5.40 23.95
CA LYS B 222 8.09 -5.02 23.98
C LYS B 222 7.66 -4.29 22.69
N GLY B 223 8.54 -4.16 21.70
CA GLY B 223 8.19 -3.48 20.45
C GLY B 223 7.92 -2.00 20.62
N GLU B 224 8.37 -1.37 21.71
CA GLU B 224 8.21 0.08 21.88
C GLU B 224 9.38 0.79 21.23
N VAL B 225 9.36 2.12 21.13
CA VAL B 225 10.51 2.88 20.63
C VAL B 225 11.43 3.14 21.79
N SER B 226 12.55 2.42 21.92
CA SER B 226 13.46 2.59 23.06
C SER B 226 14.40 3.79 22.85
N GLU B 227 14.76 4.14 21.63
CA GLU B 227 15.64 5.29 21.35
C GLU B 227 15.21 5.99 20.07
N LYS B 228 15.44 7.30 19.92
CA LYS B 228 15.10 8.02 18.69
C LYS B 228 16.20 9.00 18.30
N ILE B 229 16.66 9.04 17.06
CA ILE B 229 17.68 9.99 16.63
C ILE B 229 17.14 10.88 15.51
N ILE B 230 16.72 12.11 15.79
CA ILE B 230 16.29 13.04 14.74
C ILE B 230 17.50 13.70 14.10
N THR B 231 17.85 13.39 12.85
CA THR B 231 18.98 14.04 12.18
C THR B 231 18.48 15.15 11.24
N ARG B 232 18.89 16.40 11.45
CA ARG B 232 18.43 17.51 10.63
C ARG B 232 19.24 17.59 9.35
N ALA B 233 18.74 18.21 8.29
CA ALA B 233 19.45 18.34 7.02
C ALA B 233 20.77 19.08 7.19
N ASP B 234 20.85 20.04 8.11
CA ASP B 234 22.03 20.89 8.32
C ASP B 234 23.18 20.16 9.01
N GLY B 235 23.04 18.89 9.39
CA GLY B 235 24.15 18.12 9.93
C GLY B 235 24.01 17.81 11.41
N THR B 236 23.44 18.70 12.21
CA THR B 236 23.28 18.48 13.66
C THR B 236 22.23 17.41 13.96
N ARG B 237 21.90 17.14 15.23
CA ARG B 237 20.85 16.17 15.57
C ARG B 237 20.36 16.21 17.01
N LEU B 238 19.14 15.76 17.27
CA LEU B 238 18.65 15.51 18.61
C LEU B 238 18.84 14.04 18.87
N GLU B 239 19.18 13.61 20.08
CA GLU B 239 19.35 12.19 20.36
C GLU B 239 18.60 11.80 21.61
N TYR B 240 17.48 11.08 21.48
CA TYR B 240 16.75 10.61 22.65
C TYR B 240 17.14 9.19 22.95
N THR B 241 17.72 8.91 24.13
CA THR B 241 18.15 7.57 24.49
C THR B 241 17.38 7.07 25.71
N GLY B 242 17.27 5.76 25.93
CA GLY B 242 16.60 5.19 27.10
C GLY B 242 15.15 5.63 27.23
N ILE B 243 14.37 5.65 26.16
CA ILE B 243 12.97 6.06 26.24
C ILE B 243 12.15 5.03 26.98
N LYS B 244 11.37 5.42 28.00
CA LYS B 244 10.53 4.49 28.74
C LYS B 244 9.13 4.37 28.11
N SER B 245 8.11 3.90 28.83
CA SER B 245 6.74 3.78 28.28
C SER B 245 5.97 5.10 28.41
N ASP B 246 6.21 5.89 29.46
CA ASP B 246 5.51 7.16 29.67
C ASP B 246 6.03 8.28 28.76
N GLY B 247 6.59 7.97 27.59
CA GLY B 247 7.17 8.96 26.68
C GLY B 247 8.24 9.84 27.32
N SER B 248 9.08 9.33 28.22
CA SER B 248 10.14 10.14 28.82
C SER B 248 11.49 9.47 28.66
N GLY B 249 12.58 10.24 28.55
CA GLY B 249 13.93 9.68 28.42
C GLY B 249 15.01 10.75 28.53
N LYS B 250 16.28 10.43 28.24
CA LYS B 250 17.36 11.42 28.26
C LYS B 250 17.52 12.08 26.90
N ALA B 251 17.67 13.40 26.83
CA ALA B 251 17.80 14.07 25.55
C ALA B 251 19.20 14.64 25.37
N LYS B 252 19.73 14.69 24.15
CA LYS B 252 21.07 15.19 23.89
C LYS B 252 21.05 15.88 22.54
N GLU B 253 21.24 17.19 22.45
CA GLU B 253 21.32 17.85 21.14
C GLU B 253 22.77 17.97 20.72
N VAL B 254 23.13 17.51 19.53
CA VAL B 254 24.51 17.51 19.10
C VAL B 254 24.68 18.63 18.08
N LEU B 255 25.51 19.64 18.33
CA LEU B 255 25.70 20.75 17.38
C LEU B 255 27.13 20.81 16.82
N LYS B 256 27.39 21.58 15.76
CA LYS B 256 28.73 21.66 15.19
C LYS B 256 29.69 22.29 16.19
N GLY B 257 30.46 21.51 16.93
CA GLY B 257 31.33 22.04 17.98
C GLY B 257 30.94 21.48 19.33
N TYR B 258 29.78 21.83 19.88
CA TYR B 258 29.42 21.43 21.23
C TYR B 258 28.19 20.51 21.30
N VAL B 259 27.71 20.18 22.50
CA VAL B 259 26.59 19.28 22.71
C VAL B 259 25.67 19.89 23.78
N LEU B 260 24.35 19.94 23.59
CA LEU B 260 23.49 20.43 24.67
C LEU B 260 22.77 19.26 25.30
N GLU B 261 22.69 19.17 26.64
CA GLU B 261 22.14 17.99 27.27
C GLU B 261 20.88 18.27 28.07
N GLY B 262 20.02 17.29 28.28
CA GLY B 262 18.82 17.52 29.04
C GLY B 262 17.88 16.34 29.15
N THR B 263 16.58 16.58 29.32
CA THR B 263 15.61 15.54 29.63
C THR B 263 14.49 15.51 28.61
N LEU B 264 13.71 14.43 28.53
CA LEU B 264 12.60 14.34 27.62
C LEU B 264 11.34 13.99 28.40
N THR B 265 10.22 14.67 28.18
CA THR B 265 8.92 14.20 28.66
C THR B 265 7.98 14.21 27.45
N ALA B 266 6.89 13.44 27.47
CA ALA B 266 6.00 13.32 26.30
C ALA B 266 5.75 14.67 25.65
N GLU B 267 5.28 15.67 26.40
CA GLU B 267 5.19 17.06 25.93
C GLU B 267 6.51 17.61 25.36
N LYS B 268 7.47 18.01 26.17
CA LYS B 268 8.56 18.84 25.70
C LYS B 268 9.98 18.32 25.98
N THR B 269 10.96 18.66 25.15
CA THR B 269 12.36 18.34 25.39
C THR B 269 12.99 19.51 26.13
N THR B 270 13.61 19.32 27.28
CA THR B 270 14.25 20.43 27.99
C THR B 270 15.77 20.27 27.93
N LEU B 271 16.48 21.18 27.28
CA LEU B 271 17.93 21.13 27.20
C LEU B 271 18.53 22.18 28.11
N VAL B 272 19.28 21.80 29.15
CA VAL B 272 19.76 22.74 30.15
C VAL B 272 21.26 23.03 30.05
N VAL B 273 21.70 24.25 30.33
CA VAL B 273 23.11 24.52 30.53
C VAL B 273 23.28 25.44 31.74
N LYS B 274 24.07 25.07 32.75
CA LYS B 274 24.17 25.86 33.99
C LYS B 274 25.51 26.56 34.15
N GLU B 275 25.52 27.76 34.73
CA GLU B 275 26.73 28.50 34.99
C GLU B 275 26.49 29.31 36.24
N GLY B 276 27.18 29.03 37.35
CA GLY B 276 26.91 29.69 38.62
C GLY B 276 25.44 29.52 38.95
N THR B 277 24.70 30.58 39.28
CA THR B 277 23.28 30.44 39.60
C THR B 277 22.42 30.46 38.33
N VAL B 278 22.99 30.78 37.17
CA VAL B 278 22.23 30.90 35.93
C VAL B 278 22.03 29.55 35.26
N THR B 279 20.80 29.16 34.92
CA THR B 279 20.55 28.00 34.08
C THR B 279 19.79 28.42 32.81
N LEU B 280 20.38 28.27 31.63
CA LEU B 280 19.71 28.55 30.38
C LEU B 280 18.91 27.32 29.97
N SER B 281 17.75 27.44 29.33
CA SER B 281 16.92 26.26 29.01
C SER B 281 16.34 26.22 27.59
N LYS B 282 16.88 25.40 26.69
CA LYS B 282 16.36 25.26 25.35
C LYS B 282 15.17 24.31 25.41
N ASN B 283 13.96 24.78 25.11
CA ASN B 283 12.79 23.91 25.09
C ASN B 283 12.31 23.61 23.67
N ILE B 284 12.01 22.37 23.34
CA ILE B 284 11.40 22.01 22.06
C ILE B 284 10.04 21.36 22.35
N SER B 285 8.94 21.79 21.73
CA SER B 285 7.64 21.17 21.96
C SER B 285 7.53 19.81 21.29
N LYS B 286 6.42 19.09 21.43
CA LYS B 286 6.20 17.85 20.68
C LYS B 286 6.18 18.18 19.18
N SER B 287 5.62 19.31 18.77
CA SER B 287 5.62 19.71 17.35
C SER B 287 7.02 20.07 16.84
N GLY B 288 7.94 20.53 17.68
CA GLY B 288 9.30 20.85 17.25
C GLY B 288 9.61 22.33 17.25
N GLU B 289 8.81 23.18 17.90
CA GLU B 289 9.04 24.62 17.93
C GLU B 289 9.94 25.01 19.09
N VAL B 290 11.15 25.50 18.83
CA VAL B 290 12.11 25.87 19.87
C VAL B 290 11.61 27.05 20.72
N SER B 291 11.92 27.09 22.02
CA SER B 291 11.70 28.27 22.86
C SER B 291 12.76 28.31 23.96
N VAL B 292 13.19 29.47 24.43
CA VAL B 292 14.27 29.52 25.42
C VAL B 292 13.91 30.34 26.64
N GLU B 293 14.33 29.97 27.84
CA GLU B 293 14.08 30.75 29.05
C GLU B 293 15.31 30.83 29.95
N LEU B 294 15.47 31.88 30.74
CA LEU B 294 16.63 32.03 31.62
C LEU B 294 16.22 32.33 33.06
N ASN B 295 16.68 31.56 34.03
CA ASN B 295 16.34 31.74 35.42
C ASN B 295 17.63 31.95 36.20
N ASP B 296 17.64 32.75 37.27
CA ASP B 296 18.87 33.03 38.03
C ASP B 296 18.60 32.98 39.53
N THR B 297 19.31 32.15 40.30
CA THR B 297 19.10 32.05 41.75
C THR B 297 19.61 33.30 42.46
N ASP B 298 20.46 34.11 41.81
CA ASP B 298 21.14 35.24 42.45
C ASP B 298 20.18 36.18 43.20
N SER B 299 20.34 36.37 44.51
CA SER B 299 19.54 37.32 45.29
C SER B 299 20.13 38.73 45.29
N SER B 300 20.94 39.11 44.29
CA SER B 300 21.61 40.40 44.27
C SER B 300 21.19 41.20 43.03
N ALA B 301 20.33 42.21 43.17
CA ALA B 301 19.79 42.99 42.05
C ALA B 301 20.84 43.47 41.06
N ALA B 302 21.97 44.02 41.50
CA ALA B 302 23.00 44.54 40.60
C ALA B 302 23.68 43.44 39.79
N THR B 303 23.55 42.17 40.17
CA THR B 303 24.17 41.09 39.41
C THR B 303 23.18 40.04 38.94
N LYS B 304 21.91 40.06 39.37
CA LYS B 304 20.93 39.05 38.95
C LYS B 304 20.62 39.14 37.45
N LYS B 305 20.68 38.02 36.73
CA LYS B 305 20.43 38.00 35.30
C LYS B 305 18.98 37.68 35.00
N THR B 306 18.30 38.41 34.13
CA THR B 306 17.01 37.95 33.61
C THR B 306 17.05 38.02 32.10
N ALA B 307 16.11 37.41 31.39
CA ALA B 307 16.10 37.45 29.95
C ALA B 307 14.69 37.34 29.41
N ALA B 308 14.34 38.07 28.35
CA ALA B 308 13.06 37.93 27.66
C ALA B 308 13.23 37.08 26.40
N TRP B 309 12.21 36.34 25.98
CA TRP B 309 12.27 35.54 24.77
C TRP B 309 11.42 36.15 23.66
N ASN B 310 11.99 36.49 22.50
CA ASN B 310 11.19 36.91 21.36
C ASN B 310 11.04 35.79 20.31
N SER B 311 9.99 34.96 20.39
CA SER B 311 9.82 33.82 19.49
C SER B 311 9.70 34.22 18.02
N GLY B 312 9.27 35.44 17.70
CA GLY B 312 9.17 35.90 16.31
C GLY B 312 10.53 36.07 15.67
N THR B 313 11.59 36.30 16.43
CA THR B 313 12.94 36.45 15.89
C THR B 313 13.87 35.45 16.57
N SER B 314 13.33 34.43 17.25
CA SER B 314 14.11 33.41 17.98
C SER B 314 15.22 34.01 18.83
N THR B 315 15.28 35.32 19.04
CA THR B 315 16.31 35.89 19.89
C THR B 315 15.93 35.90 21.38
N LEU B 316 16.89 35.80 22.29
CA LEU B 316 16.69 35.93 23.70
C LEU B 316 17.60 37.07 24.13
N THR B 317 17.11 38.07 24.86
CA THR B 317 17.95 39.20 25.28
C THR B 317 18.17 39.10 26.78
N ILE B 318 19.41 39.21 27.27
CA ILE B 318 19.67 39.10 28.70
C ILE B 318 19.85 40.49 29.30
N THR B 319 19.47 40.73 30.55
CA THR B 319 19.61 42.03 31.20
C THR B 319 20.37 41.87 32.52
N VAL B 320 21.22 42.82 32.91
CA VAL B 320 21.77 42.91 34.27
C VAL B 320 21.64 44.35 34.74
N ASN B 321 21.32 44.61 36.01
CA ASN B 321 21.18 45.97 36.57
C ASN B 321 20.48 46.96 35.62
N SER B 322 19.21 46.72 35.27
CA SER B 322 18.42 47.51 34.32
C SER B 322 18.98 47.62 32.89
N LYS B 323 20.04 46.90 32.52
CA LYS B 323 20.68 47.08 31.23
C LYS B 323 20.72 45.82 30.35
N LYS B 324 20.29 45.89 29.09
CA LYS B 324 20.44 44.75 28.20
C LYS B 324 21.92 44.43 28.06
N THR B 325 22.36 43.19 28.27
CA THR B 325 23.76 42.81 28.05
C THR B 325 23.99 42.15 26.70
N LYS B 326 23.29 41.08 26.33
CA LYS B 326 23.64 40.29 25.13
C LYS B 326 22.41 39.77 24.40
N ASP B 327 22.48 39.55 23.09
CA ASP B 327 21.42 38.84 22.37
C ASP B 327 21.83 37.43 21.99
N LEU B 328 21.12 36.40 22.45
CA LEU B 328 21.37 35.05 21.98
C LEU B 328 20.35 34.70 20.90
N VAL B 329 20.75 34.58 19.63
CA VAL B 329 19.81 34.19 18.60
C VAL B 329 19.91 32.69 18.39
N PHE B 330 18.80 31.96 18.24
CA PHE B 330 18.81 30.54 17.99
C PHE B 330 18.41 30.34 16.54
N THR B 331 19.36 30.30 15.63
CA THR B 331 19.13 30.54 14.20
C THR B 331 18.45 29.40 13.44
N LYS B 332 17.78 29.65 12.32
CA LYS B 332 17.05 28.62 11.59
C LYS B 332 17.97 27.49 11.09
N GLU B 333 19.26 27.73 10.86
CA GLU B 333 20.20 26.65 10.54
C GLU B 333 20.73 25.96 11.82
N ASN B 334 20.01 26.06 12.95
CA ASN B 334 20.36 25.37 14.19
C ASN B 334 21.71 25.76 14.76
N THR B 335 22.02 27.05 14.91
CA THR B 335 23.21 27.50 15.61
C THR B 335 22.84 28.58 16.60
N ILE B 336 23.62 28.82 17.64
CA ILE B 336 23.41 29.98 18.52
C ILE B 336 24.41 31.09 18.17
N THR B 337 24.02 32.36 18.16
CA THR B 337 24.96 33.46 17.93
C THR B 337 24.88 34.46 19.08
N VAL B 338 26.01 34.93 19.63
CA VAL B 338 25.99 35.99 20.64
C VAL B 338 26.36 37.30 19.98
N GLN B 339 25.70 38.41 20.32
CA GLN B 339 26.14 39.73 19.95
C GLN B 339 26.00 40.59 21.21
N GLN B 340 26.95 41.47 21.53
CA GLN B 340 26.88 42.24 22.77
C GLN B 340 26.10 43.55 22.64
N TYR B 341 25.48 44.04 23.70
CA TYR B 341 24.91 45.37 23.74
C TYR B 341 25.96 46.38 24.21
N ASP B 342 25.79 47.68 24.00
CA ASP B 342 26.79 48.65 24.44
C ASP B 342 26.68 48.90 25.95
N SER B 343 27.53 49.70 26.58
CA SER B 343 27.43 49.97 28.02
C SER B 343 26.14 50.71 28.36
N ASN B 344 25.63 51.56 27.47
CA ASN B 344 24.31 52.16 27.64
C ASN B 344 23.21 51.11 27.60
N GLY B 345 23.47 49.93 27.06
CA GLY B 345 22.53 48.81 27.04
C GLY B 345 21.43 49.00 26.03
N THR B 346 21.68 49.69 24.91
CA THR B 346 20.63 50.01 23.94
C THR B 346 21.06 49.83 22.49
N LYS B 347 22.33 49.53 22.21
CA LYS B 347 22.81 49.34 20.85
C LYS B 347 23.56 48.03 20.72
N LEU B 348 23.25 47.20 19.74
CA LEU B 348 23.99 45.97 19.52
C LEU B 348 25.32 46.37 18.90
N GLU B 349 26.46 45.89 19.41
CA GLU B 349 27.77 46.30 18.92
C GLU B 349 28.36 45.21 18.04
N GLY B 350 29.32 45.53 17.17
CA GLY B 350 29.97 44.54 16.31
C GLY B 350 28.98 43.70 15.52
N SER B 351 29.31 42.47 15.13
CA SER B 351 28.37 41.65 14.42
C SER B 351 28.07 40.39 15.21
N ALA B 352 27.05 39.61 14.86
CA ALA B 352 26.75 38.36 15.55
C ALA B 352 27.93 37.42 15.55
N VAL B 353 28.09 36.55 16.53
CA VAL B 353 29.20 35.60 16.55
C VAL B 353 28.61 34.22 16.80
N GLU B 354 28.86 33.23 15.96
CA GLU B 354 28.36 31.88 16.18
C GLU B 354 29.12 31.25 17.35
N ILE B 355 28.44 30.61 18.31
CA ILE B 355 29.10 29.96 19.43
C ILE B 355 29.59 28.60 18.96
N THR B 356 30.85 28.23 19.19
CA THR B 356 31.43 27.01 18.63
C THR B 356 31.86 26.06 19.73
N LYS B 357 31.75 26.44 21.00
CA LYS B 357 32.18 25.61 22.12
C LYS B 357 31.16 25.70 23.24
N LEU B 358 30.92 24.65 24.03
CA LEU B 358 30.00 24.73 25.16
C LEU B 358 30.48 25.85 26.07
N ASP B 359 31.79 25.99 26.28
CA ASP B 359 32.36 27.05 27.10
C ASP B 359 31.92 28.43 26.65
N GLU B 360 31.58 28.66 25.39
CA GLU B 360 31.15 29.98 24.96
C GLU B 360 29.71 30.26 25.39
N ILE B 361 28.78 29.29 25.35
CA ILE B 361 27.46 29.47 25.95
C ILE B 361 27.66 29.82 27.41
N LYS B 362 28.27 28.94 28.20
CA LYS B 362 28.52 29.19 29.61
C LYS B 362 29.11 30.58 29.80
N ASN B 363 30.05 31.01 28.96
CA ASN B 363 30.62 32.35 29.00
C ASN B 363 29.56 33.45 28.89
N ALA B 364 28.54 33.33 28.05
CA ALA B 364 27.48 34.32 27.98
C ALA B 364 26.63 34.30 29.23
N LEU B 365 26.56 33.18 29.97
CA LEU B 365 25.71 33.09 31.16
C LEU B 365 26.38 33.70 32.39
N LYS B 366 27.64 34.14 32.32
CA LYS B 366 28.27 34.86 33.40
C LYS B 366 27.78 36.32 33.44
N ASN C 6 15.17 -54.10 -16.16
CA ASN C 6 14.29 -53.88 -17.34
C ASN C 6 13.91 -52.40 -17.54
N SER C 7 14.25 -51.50 -16.63
CA SER C 7 13.82 -50.10 -16.71
C SER C 7 14.88 -49.12 -16.21
N VAL C 8 14.64 -47.81 -16.20
CA VAL C 8 15.55 -46.82 -15.63
C VAL C 8 14.79 -45.72 -14.87
N SER C 9 15.30 -45.24 -13.74
CA SER C 9 14.62 -44.20 -12.96
C SER C 9 14.83 -42.81 -13.53
N VAL C 10 13.80 -41.96 -13.52
CA VAL C 10 13.94 -40.52 -13.79
C VAL C 10 13.20 -39.75 -12.68
N ASP C 11 13.88 -38.89 -11.93
CA ASP C 11 13.23 -38.09 -10.88
C ASP C 11 12.54 -36.84 -11.42
N LEU C 12 11.51 -36.33 -10.75
CA LEU C 12 10.67 -35.27 -11.31
C LEU C 12 10.31 -34.21 -10.26
N PRO C 13 9.79 -33.06 -10.71
CA PRO C 13 9.14 -32.10 -9.83
C PRO C 13 8.19 -32.76 -8.82
N GLY C 14 8.18 -32.36 -7.56
CA GLY C 14 7.36 -33.00 -6.53
C GLY C 14 8.13 -34.11 -5.84
N GLU C 15 9.41 -34.32 -6.16
CA GLU C 15 10.23 -35.37 -5.57
C GLU C 15 9.63 -36.77 -5.84
N MET C 16 8.99 -37.00 -6.98
CA MET C 16 8.43 -38.32 -7.32
C MET C 16 9.20 -39.03 -8.43
N LYS C 17 8.93 -40.29 -8.74
CA LYS C 17 9.78 -41.10 -9.61
C LYS C 17 9.04 -41.70 -10.80
N VAL C 18 9.49 -41.48 -12.03
CA VAL C 18 8.91 -42.17 -13.19
C VAL C 18 9.83 -43.29 -13.67
N LEU C 19 9.35 -44.53 -13.76
CA LEU C 19 10.14 -45.62 -14.32
C LEU C 19 9.79 -45.76 -15.80
N VAL C 20 10.72 -45.52 -16.72
CA VAL C 20 10.51 -45.83 -18.13
C VAL C 20 11.26 -47.12 -18.48
N SER C 21 10.66 -48.04 -19.24
CA SER C 21 11.33 -49.29 -19.61
C SER C 21 12.59 -49.05 -20.45
N LYS C 22 13.53 -50.00 -20.51
CA LYS C 22 14.79 -49.85 -21.27
C LYS C 22 14.55 -49.48 -22.73
N GLU C 23 13.83 -50.28 -23.51
CA GLU C 23 13.51 -49.95 -24.91
C GLU C 23 12.08 -50.34 -25.29
N LYS C 24 11.67 -50.22 -26.55
CA LYS C 24 10.29 -50.46 -26.98
C LYS C 24 9.85 -51.93 -26.85
N ASN C 25 8.56 -52.25 -26.89
CA ASN C 25 8.10 -53.63 -26.74
C ASN C 25 7.24 -54.18 -27.89
N LYS C 26 5.91 -54.10 -27.84
CA LYS C 26 5.04 -54.69 -28.86
C LYS C 26 4.45 -53.65 -29.80
N ASP C 27 3.84 -52.57 -29.31
CA ASP C 27 3.31 -51.50 -30.17
C ASP C 27 4.39 -50.49 -30.55
N GLY C 28 5.66 -50.69 -30.18
CA GLY C 28 6.72 -49.72 -30.45
C GLY C 28 6.70 -48.56 -29.48
N LYS C 29 6.08 -48.70 -28.30
CA LYS C 29 5.96 -47.61 -27.34
C LYS C 29 6.85 -47.82 -26.10
N TYR C 30 6.92 -46.86 -25.16
CA TYR C 30 7.71 -47.00 -23.94
C TYR C 30 6.83 -47.12 -22.70
N ASP C 31 6.95 -48.21 -21.93
CA ASP C 31 6.10 -48.42 -20.74
C ASP C 31 6.52 -47.52 -19.58
N LEU C 32 5.60 -46.78 -18.96
CA LEU C 32 5.92 -45.92 -17.83
C LEU C 32 5.15 -46.36 -16.60
N ILE C 33 5.78 -46.42 -15.42
CA ILE C 33 5.09 -46.82 -14.19
C ILE C 33 5.56 -45.97 -13.00
N ALA C 34 4.73 -45.70 -11.99
CA ALA C 34 5.11 -44.89 -10.84
C ALA C 34 4.25 -45.18 -9.60
N THR C 35 4.62 -44.68 -8.43
CA THR C 35 3.79 -44.81 -7.23
C THR C 35 3.37 -43.45 -6.70
N VAL C 36 2.10 -43.27 -6.34
CA VAL C 36 1.58 -42.00 -5.83
C VAL C 36 0.63 -42.25 -4.66
N ASP C 37 0.97 -41.86 -3.43
CA ASP C 37 0.08 -42.00 -2.27
C ASP C 37 -0.44 -43.43 -2.11
N LYS C 38 0.40 -44.47 -2.19
CA LYS C 38 -0.04 -45.87 -2.12
C LYS C 38 -0.86 -46.32 -3.34
N LEU C 39 -0.61 -45.82 -4.54
CA LEU C 39 -1.32 -46.29 -5.74
C LEU C 39 -0.39 -46.41 -6.94
N GLU C 40 -0.39 -47.54 -7.65
CA GLU C 40 0.44 -47.73 -8.83
C GLU C 40 -0.23 -47.07 -10.05
N LEU C 41 0.51 -46.57 -11.03
CA LEU C 41 -0.09 -45.94 -12.22
C LEU C 41 0.56 -46.39 -13.53
N LYS C 42 -0.11 -47.19 -14.37
CA LYS C 42 0.46 -47.65 -15.63
C LYS C 42 0.44 -46.54 -16.69
N GLY C 43 1.41 -46.47 -17.60
CA GLY C 43 1.44 -45.41 -18.60
C GLY C 43 2.27 -45.76 -19.81
N THR C 44 2.12 -45.08 -20.93
CA THR C 44 2.82 -45.43 -22.18
C THR C 44 3.10 -44.17 -23.02
N SER C 45 4.19 -44.10 -23.76
CA SER C 45 4.51 -42.89 -24.56
C SER C 45 5.49 -43.09 -25.71
N ASP C 46 5.60 -42.14 -26.65
CA ASP C 46 6.55 -42.18 -27.75
C ASP C 46 7.95 -41.79 -27.27
N LYS C 47 8.14 -40.57 -26.77
CA LYS C 47 9.41 -40.12 -26.20
C LYS C 47 9.85 -41.00 -25.02
N ASN C 48 11.11 -40.96 -24.59
CA ASN C 48 11.61 -41.86 -23.54
C ASN C 48 12.15 -41.14 -22.30
N ASN C 49 12.24 -39.81 -22.30
CA ASN C 49 12.84 -39.06 -21.19
C ASN C 49 12.00 -39.05 -19.90
N GLY C 50 10.84 -39.68 -19.86
CA GLY C 50 9.96 -39.64 -18.70
C GLY C 50 8.78 -38.71 -18.94
N SER C 51 8.63 -38.15 -20.13
CA SER C 51 7.50 -37.27 -20.47
C SER C 51 6.23 -38.09 -20.73
N GLY C 52 5.04 -37.49 -20.73
CA GLY C 52 3.82 -38.21 -21.13
C GLY C 52 2.74 -38.36 -20.06
N VAL C 53 1.83 -39.31 -20.18
CA VAL C 53 0.71 -39.46 -19.25
C VAL C 53 0.69 -40.85 -18.60
N LEU C 54 0.21 -40.97 -17.36
CA LEU C 54 0.06 -42.27 -16.71
C LEU C 54 -1.28 -42.33 -15.97
N GLU C 55 -2.02 -43.44 -16.04
CA GLU C 55 -3.35 -43.54 -15.41
C GLU C 55 -3.45 -44.70 -14.41
N GLY C 56 -4.30 -44.61 -13.39
CA GLY C 56 -4.44 -45.66 -12.39
C GLY C 56 -5.77 -45.61 -11.68
N VAL C 57 -6.28 -46.74 -11.18
CA VAL C 57 -7.59 -46.78 -10.55
C VAL C 57 -7.49 -46.90 -9.03
N LYS C 58 -8.10 -46.00 -8.26
CA LYS C 58 -8.12 -46.06 -6.79
C LYS C 58 -8.96 -47.23 -6.27
N ALA C 59 -8.82 -47.60 -5.00
CA ALA C 59 -9.64 -48.66 -4.40
C ALA C 59 -11.12 -48.27 -4.38
N ASP C 60 -11.46 -47.01 -4.16
CA ASP C 60 -12.87 -46.58 -4.14
C ASP C 60 -13.37 -46.24 -5.55
N LYS C 61 -12.76 -46.77 -6.61
CA LYS C 61 -13.17 -46.56 -8.00
C LYS C 61 -12.90 -45.14 -8.51
N SER C 62 -12.20 -44.28 -7.75
CA SER C 62 -11.81 -42.95 -8.21
C SER C 62 -10.62 -43.05 -9.18
N LYS C 63 -10.53 -42.23 -10.23
CA LYS C 63 -9.47 -42.38 -11.22
C LYS C 63 -8.29 -41.44 -11.00
N VAL C 64 -7.05 -41.88 -11.25
CA VAL C 64 -5.87 -41.06 -11.02
C VAL C 64 -5.08 -40.88 -12.31
N LYS C 65 -4.69 -39.65 -12.68
CA LYS C 65 -4.02 -39.39 -13.95
C LYS C 65 -2.79 -38.51 -13.73
N LEU C 66 -1.59 -39.05 -13.64
CA LEU C 66 -0.39 -38.21 -13.58
C LEU C 66 -0.07 -37.69 -14.99
N THR C 67 0.46 -36.48 -15.14
CA THR C 67 0.70 -35.89 -16.44
C THR C 67 2.06 -35.22 -16.44
N ILE C 68 3.04 -35.74 -17.17
CA ILE C 68 4.40 -35.20 -17.14
C ILE C 68 4.73 -34.49 -18.45
N SER C 69 5.13 -33.20 -18.41
CA SER C 69 5.28 -32.35 -19.59
C SER C 69 6.47 -32.72 -20.46
N ASP C 70 6.64 -32.07 -21.62
CA ASP C 70 7.80 -32.29 -22.49
C ASP C 70 9.11 -32.07 -21.76
N ASP C 71 9.48 -30.85 -21.42
CA ASP C 71 10.77 -30.55 -20.81
C ASP C 71 10.94 -31.13 -19.40
N LEU C 72 10.08 -32.04 -18.94
CA LEU C 72 10.18 -32.65 -17.62
C LEU C 72 10.13 -31.66 -16.45
N GLY C 73 9.67 -30.43 -16.65
CA GLY C 73 9.71 -29.43 -15.60
C GLY C 73 8.43 -29.31 -14.78
N GLN C 74 7.39 -30.10 -15.07
CA GLN C 74 6.12 -29.92 -14.41
C GLN C 74 5.33 -31.21 -14.32
N THR C 75 4.79 -31.57 -13.16
CA THR C 75 3.93 -32.73 -13.07
C THR C 75 2.52 -32.27 -12.73
N THR C 76 1.50 -32.85 -13.35
CA THR C 76 0.12 -32.58 -13.00
C THR C 76 -0.45 -33.84 -12.38
N LEU C 77 -1.01 -33.80 -11.17
CA LEU C 77 -1.62 -34.98 -10.57
C LEU C 77 -3.09 -34.76 -10.29
N GLU C 78 -3.98 -35.13 -11.22
CA GLU C 78 -5.43 -34.99 -11.05
C GLU C 78 -6.00 -36.26 -10.45
N VAL C 79 -7.06 -36.18 -9.65
CA VAL C 79 -7.83 -37.35 -9.25
C VAL C 79 -9.30 -37.10 -9.60
N PHE C 80 -9.97 -38.01 -10.31
CA PHE C 80 -11.36 -37.81 -10.73
C PHE C 80 -12.32 -38.72 -9.99
N LYS C 81 -13.62 -38.43 -10.02
CA LYS C 81 -14.63 -39.37 -9.54
C LYS C 81 -14.66 -40.61 -10.42
N GLU C 82 -15.52 -41.59 -10.16
CA GLU C 82 -15.58 -42.82 -10.96
C GLU C 82 -15.70 -42.56 -12.45
N ASP C 83 -16.42 -41.53 -12.88
CA ASP C 83 -16.67 -41.24 -14.30
C ASP C 83 -15.44 -40.83 -15.10
N GLY C 84 -14.41 -40.26 -14.49
CA GLY C 84 -13.27 -39.71 -15.25
C GLY C 84 -13.60 -38.35 -15.85
N LYS C 85 -14.77 -37.78 -15.57
CA LYS C 85 -15.14 -36.44 -16.01
C LYS C 85 -15.09 -35.48 -14.82
N THR C 86 -15.61 -35.86 -13.65
CA THR C 86 -15.71 -34.96 -12.52
C THR C 86 -14.43 -34.87 -11.71
N LEU C 87 -13.84 -33.69 -11.56
CA LEU C 87 -12.59 -33.49 -10.82
C LEU C 87 -12.77 -33.57 -9.31
N VAL C 88 -11.78 -34.06 -8.57
CA VAL C 88 -11.79 -34.01 -7.11
C VAL C 88 -10.56 -33.24 -6.62
N SER C 89 -9.35 -33.62 -7.04
CA SER C 89 -8.12 -32.89 -6.71
C SER C 89 -7.25 -32.60 -7.92
N LYS C 90 -6.40 -31.57 -7.89
CA LYS C 90 -5.41 -31.33 -8.93
C LYS C 90 -4.16 -30.69 -8.31
N LYS C 91 -2.98 -31.31 -8.40
CA LYS C 91 -1.77 -30.70 -7.84
C LYS C 91 -0.67 -30.55 -8.88
N VAL C 92 -0.56 -29.40 -9.56
CA VAL C 92 0.56 -29.10 -10.43
C VAL C 92 1.82 -28.81 -9.59
N THR C 93 2.92 -29.57 -9.74
CA THR C 93 4.19 -29.21 -9.14
C THR C 93 5.22 -28.87 -10.21
N SER C 94 6.22 -28.03 -9.93
CA SER C 94 7.16 -27.56 -10.97
C SER C 94 8.62 -27.59 -10.52
N LYS C 95 9.58 -27.57 -11.45
CA LYS C 95 11.00 -27.72 -11.16
C LYS C 95 11.51 -26.69 -10.15
N ASP C 96 11.04 -25.44 -10.22
CA ASP C 96 11.43 -24.42 -9.25
C ASP C 96 10.79 -24.69 -7.88
N LYS C 97 10.12 -25.83 -7.69
CA LYS C 97 9.50 -26.22 -6.42
C LYS C 97 8.23 -25.43 -6.09
N SER C 98 7.84 -24.43 -6.87
CA SER C 98 6.54 -23.77 -6.72
C SER C 98 5.41 -24.78 -6.98
N SER C 99 4.16 -24.51 -6.58
CA SER C 99 3.11 -25.53 -6.71
C SER C 99 1.71 -24.94 -6.79
N THR C 100 0.69 -25.73 -7.15
CA THR C 100 -0.70 -25.26 -7.22
C THR C 100 -1.65 -26.41 -6.87
N GLU C 101 -2.37 -26.34 -5.75
CA GLU C 101 -3.35 -27.38 -5.36
C GLU C 101 -4.76 -26.88 -5.66
N GLU C 102 -5.69 -27.74 -6.06
CA GLU C 102 -7.07 -27.34 -6.24
C GLU C 102 -7.99 -28.38 -5.64
N LYS C 103 -9.01 -27.98 -4.88
CA LYS C 103 -9.99 -28.92 -4.35
C LYS C 103 -11.32 -28.67 -5.03
N PHE C 104 -12.07 -29.68 -5.43
CA PHE C 104 -13.32 -29.45 -6.14
C PHE C 104 -14.52 -30.04 -5.41
N ASN C 105 -15.67 -29.37 -5.37
CA ASN C 105 -16.85 -29.96 -4.75
C ASN C 105 -17.44 -31.07 -5.62
N GLU C 106 -18.62 -31.59 -5.33
CA GLU C 106 -19.08 -32.82 -5.94
C GLU C 106 -19.68 -32.64 -7.34
N LYS C 107 -19.44 -31.52 -8.01
CA LYS C 107 -19.70 -31.40 -9.44
C LYS C 107 -18.39 -31.00 -10.14
N GLY C 108 -17.23 -31.35 -9.59
CA GLY C 108 -15.93 -31.00 -10.17
C GLY C 108 -15.81 -29.50 -10.33
N GLU C 109 -16.13 -28.74 -9.29
CA GLU C 109 -16.24 -27.29 -9.37
C GLU C 109 -15.45 -26.67 -8.20
N LEU C 110 -14.59 -25.68 -8.44
CA LEU C 110 -13.60 -25.19 -7.46
C LEU C 110 -14.09 -24.88 -6.04
N SER C 111 -13.35 -25.27 -5.00
CA SER C 111 -13.67 -24.98 -3.61
C SER C 111 -12.51 -24.24 -2.98
N GLU C 112 -11.28 -24.65 -3.23
CA GLU C 112 -10.08 -24.03 -2.69
C GLU C 112 -8.95 -24.07 -3.70
N LYS C 113 -8.26 -22.97 -3.93
CA LYS C 113 -7.03 -22.99 -4.72
C LYS C 113 -5.90 -22.39 -3.89
N LYS C 114 -4.76 -23.08 -3.79
CA LYS C 114 -3.60 -22.59 -3.06
C LYS C 114 -2.45 -22.49 -4.04
N ILE C 115 -1.66 -21.42 -4.04
CA ILE C 115 -0.49 -21.31 -4.91
C ILE C 115 0.72 -21.18 -4.02
N THR C 116 1.65 -22.14 -4.00
CA THR C 116 2.91 -21.92 -3.29
C THR C 116 3.97 -21.53 -4.29
N ARG C 117 4.80 -20.54 -4.01
CA ARG C 117 5.75 -20.05 -4.97
C ARG C 117 7.14 -20.57 -4.70
N ALA C 118 8.08 -20.43 -5.62
CA ALA C 118 9.47 -20.84 -5.42
C ALA C 118 10.06 -20.15 -4.19
N ASP C 119 9.71 -18.89 -3.90
CA ASP C 119 10.21 -18.22 -2.72
C ASP C 119 9.41 -18.61 -1.46
N LYS C 120 8.82 -19.80 -1.41
CA LYS C 120 8.10 -20.33 -0.24
C LYS C 120 6.84 -19.55 0.18
N SER C 121 6.55 -18.39 -0.39
CA SER C 121 5.33 -17.62 -0.04
C SER C 121 4.09 -18.21 -0.71
N SER C 122 2.86 -17.81 -0.36
CA SER C 122 1.67 -18.39 -1.00
C SER C 122 0.41 -17.51 -1.01
N THR C 123 -0.52 -17.71 -1.95
CA THR C 123 -1.85 -17.13 -1.88
C THR C 123 -2.85 -18.25 -1.69
N GLU C 124 -4.02 -17.98 -1.11
CA GLU C 124 -4.99 -19.03 -0.82
C GLU C 124 -6.39 -18.52 -1.12
N GLU C 125 -7.22 -19.26 -1.87
CA GLU C 125 -8.58 -18.81 -2.19
C GLU C 125 -9.59 -19.84 -1.76
N LYS C 126 -10.61 -19.46 -0.97
CA LYS C 126 -11.68 -20.37 -0.64
C LYS C 126 -12.94 -19.92 -1.36
N PHE C 127 -13.71 -20.84 -1.97
CA PHE C 127 -14.94 -20.50 -2.66
C PHE C 127 -16.16 -21.03 -1.91
N ASN C 128 -17.36 -20.48 -2.07
CA ASN C 128 -18.55 -20.96 -1.35
C ASN C 128 -19.33 -22.07 -2.07
N GLU C 129 -20.34 -22.67 -1.45
CA GLU C 129 -21.12 -23.77 -2.06
C GLU C 129 -21.84 -23.34 -3.34
N LYS C 130 -22.07 -22.05 -3.53
CA LYS C 130 -22.67 -21.54 -4.76
C LYS C 130 -21.62 -21.41 -5.85
N GLY C 131 -20.35 -21.13 -5.51
CA GLY C 131 -19.27 -20.99 -6.49
C GLY C 131 -18.54 -19.67 -6.39
N GLU C 132 -18.97 -18.73 -5.54
CA GLU C 132 -18.37 -17.39 -5.42
C GLU C 132 -17.08 -17.38 -4.60
N LEU C 133 -16.26 -16.31 -4.64
CA LEU C 133 -15.07 -16.20 -3.81
C LEU C 133 -15.51 -15.93 -2.38
N SER C 134 -15.07 -16.74 -1.41
CA SER C 134 -15.40 -16.53 0.00
C SER C 134 -14.31 -15.72 0.71
N GLU C 135 -13.03 -16.06 0.56
CA GLU C 135 -11.95 -15.33 1.20
C GLU C 135 -10.62 -15.52 0.48
N LYS C 136 -9.70 -14.55 0.54
CA LYS C 136 -8.40 -14.66 -0.13
C LYS C 136 -7.29 -14.10 0.74
N LYS C 137 -6.20 -14.83 0.98
CA LYS C 137 -5.08 -14.32 1.75
C LYS C 137 -3.79 -14.47 0.97
N ILE C 138 -3.13 -13.37 0.60
CA ILE C 138 -1.85 -13.42 -0.08
C ILE C 138 -0.74 -13.31 0.96
N THR C 139 0.21 -14.23 1.03
CA THR C 139 1.34 -14.10 1.94
C THR C 139 2.61 -13.90 1.12
N ARG C 140 3.50 -12.99 1.51
CA ARG C 140 4.70 -12.69 0.72
C ARG C 140 5.97 -13.27 1.33
N ALA C 141 7.11 -13.17 0.67
CA ALA C 141 8.38 -13.61 1.21
C ALA C 141 8.70 -12.90 2.52
N ASP C 142 8.52 -11.59 2.61
CA ASP C 142 8.77 -10.83 3.83
C ASP C 142 7.63 -10.98 4.84
N LYS C 143 6.79 -12.01 4.71
CA LYS C 143 5.64 -12.24 5.58
C LYS C 143 4.59 -11.12 5.59
N SER C 144 4.59 -10.20 4.62
CA SER C 144 3.54 -9.17 4.50
C SER C 144 2.29 -9.76 3.87
N SER C 145 1.07 -9.35 4.25
CA SER C 145 -0.14 -10.06 3.83
C SER C 145 -1.41 -9.23 3.64
N THR C 146 -2.01 -9.24 2.45
CA THR C 146 -3.35 -8.70 2.24
C THR C 146 -4.36 -9.80 2.48
N GLU C 147 -5.30 -9.64 3.41
CA GLU C 147 -6.36 -10.64 3.64
C GLU C 147 -7.71 -10.05 3.27
N GLU C 148 -8.63 -10.81 2.69
CA GLU C 148 -9.99 -10.31 2.44
C GLU C 148 -11.10 -11.36 2.53
N LYS C 149 -12.24 -11.06 3.14
CA LYS C 149 -13.37 -11.98 3.25
C LYS C 149 -14.61 -11.43 2.57
N PHE C 150 -15.45 -12.27 1.97
CA PHE C 150 -16.63 -11.81 1.25
C PHE C 150 -17.88 -12.46 1.82
N ASN C 151 -19.07 -11.84 1.70
CA ASN C 151 -20.31 -12.49 2.13
C ASN C 151 -20.86 -13.42 1.04
N GLU C 152 -21.79 -14.34 1.35
CA GLU C 152 -22.35 -15.25 0.36
C GLU C 152 -22.99 -14.50 -0.80
N LYS C 153 -23.23 -13.19 -0.66
CA LYS C 153 -23.74 -12.33 -1.72
C LYS C 153 -22.59 -11.84 -2.63
N GLY C 154 -21.35 -12.30 -2.44
CA GLY C 154 -20.24 -11.95 -3.32
C GLY C 154 -19.61 -10.61 -2.98
N GLU C 155 -20.21 -9.81 -2.11
CA GLU C 155 -19.70 -8.49 -1.75
C GLU C 155 -18.52 -8.55 -0.77
N LEU C 156 -17.65 -7.56 -0.72
CA LEU C 156 -16.51 -7.54 0.18
C LEU C 156 -16.93 -7.18 1.61
N SER C 157 -16.34 -7.77 2.64
CA SER C 157 -16.69 -7.47 4.02
C SER C 157 -15.47 -6.98 4.81
N GLU C 158 -14.32 -7.65 4.70
CA GLU C 158 -13.14 -7.35 5.50
C GLU C 158 -11.92 -7.28 4.61
N LYS C 159 -11.13 -6.21 4.64
CA LYS C 159 -9.84 -6.15 3.95
C LYS C 159 -8.75 -5.66 4.91
N LYS C 160 -7.77 -6.50 5.25
CA LYS C 160 -6.71 -6.14 6.18
C LYS C 160 -5.33 -6.31 5.54
N ILE C 161 -4.54 -5.25 5.43
CA ILE C 161 -3.20 -5.35 4.90
C ILE C 161 -2.19 -5.35 6.05
N THR C 162 -1.42 -6.42 6.25
CA THR C 162 -0.34 -6.46 7.22
C THR C 162 1.00 -6.23 6.52
N ARG C 163 1.82 -5.26 6.94
CA ARG C 163 3.11 -4.94 6.30
C ARG C 163 4.22 -5.85 6.83
N ALA C 164 5.42 -5.83 6.26
CA ALA C 164 6.55 -6.61 6.75
C ALA C 164 6.82 -6.37 8.24
N ASP C 165 6.79 -5.13 8.71
CA ASP C 165 7.07 -4.80 10.10
C ASP C 165 5.85 -4.89 11.01
N LYS C 166 4.84 -5.71 10.68
CA LYS C 166 3.64 -5.94 11.50
C LYS C 166 2.69 -4.73 11.64
N SER C 167 2.97 -3.58 11.04
CA SER C 167 2.04 -2.45 10.99
C SER C 167 0.91 -2.78 10.02
N SER C 168 -0.34 -2.45 10.31
CA SER C 168 -1.43 -2.94 9.47
C SER C 168 -2.45 -1.88 9.10
N THR C 169 -3.30 -2.12 8.10
CA THR C 169 -4.39 -1.24 7.75
C THR C 169 -5.64 -2.10 7.63
N GLU C 170 -6.62 -1.97 8.52
CA GLU C 170 -7.81 -2.83 8.51
C GLU C 170 -9.03 -2.07 8.00
N GLU C 171 -9.73 -2.58 7.00
CA GLU C 171 -10.98 -1.98 6.54
C GLU C 171 -12.15 -2.94 6.69
N LYS C 172 -13.27 -2.49 7.24
CA LYS C 172 -14.49 -3.29 7.27
C LYS C 172 -15.54 -2.60 6.42
N PHE C 173 -16.33 -3.35 5.65
CA PHE C 173 -17.35 -2.77 4.77
C PHE C 173 -18.75 -3.17 5.22
N ASN C 174 -19.81 -2.70 4.57
CA ASN C 174 -21.18 -3.05 4.97
C ASN C 174 -21.84 -4.09 4.06
N GLU C 175 -23.17 -4.10 3.94
CA GLU C 175 -23.88 -5.00 3.03
C GLU C 175 -23.87 -4.38 1.64
N LYS C 176 -23.94 -3.06 1.51
CA LYS C 176 -23.96 -2.36 0.23
C LYS C 176 -22.55 -2.24 -0.37
N GLY C 177 -21.51 -2.80 0.25
CA GLY C 177 -20.14 -2.66 -0.23
C GLY C 177 -19.63 -1.24 -0.01
N GLU C 178 -19.83 -0.65 1.15
CA GLU C 178 -19.35 0.70 1.45
C GLU C 178 -18.46 0.69 2.68
N LEU C 179 -17.51 1.62 2.82
CA LEU C 179 -16.57 1.65 3.95
C LEU C 179 -17.28 2.00 5.26
N SER C 180 -17.18 1.18 6.30
CA SER C 180 -17.83 1.48 7.57
C SER C 180 -16.82 1.73 8.68
N GLU C 181 -15.65 1.09 8.65
CA GLU C 181 -14.67 1.22 9.73
C GLU C 181 -13.26 1.05 9.19
N LYS C 182 -12.38 2.04 9.32
CA LYS C 182 -11.01 1.94 8.82
C LYS C 182 -10.03 2.20 9.96
N LYS C 183 -8.99 1.38 10.12
CA LYS C 183 -8.02 1.59 11.21
C LYS C 183 -6.58 1.41 10.74
N ILE C 184 -5.82 2.48 10.57
CA ILE C 184 -4.37 2.38 10.31
C ILE C 184 -3.65 2.23 11.65
N THR C 185 -2.76 1.24 11.81
CA THR C 185 -2.08 0.99 13.06
C THR C 185 -0.59 0.76 12.79
N ARG C 186 0.32 1.56 13.37
CA ARG C 186 1.73 1.57 12.97
C ARG C 186 2.67 0.79 13.91
N ALA C 187 3.96 0.68 13.59
CA ALA C 187 4.90 -0.10 14.38
C ALA C 187 5.28 0.64 15.65
N ASP C 188 5.01 1.94 15.76
CA ASP C 188 5.12 2.66 17.02
C ASP C 188 4.03 2.18 17.97
N LYS C 189 3.16 1.25 17.54
CA LYS C 189 1.93 0.88 18.26
C LYS C 189 0.90 2.02 18.24
N SER C 190 1.25 3.21 17.73
CA SER C 190 0.31 4.30 17.50
C SER C 190 -0.69 3.96 16.41
N SER C 191 -1.93 4.45 16.45
CA SER C 191 -2.95 4.05 15.48
C SER C 191 -4.02 5.11 15.24
N THR C 192 -4.47 5.31 14.00
CA THR C 192 -5.67 6.09 13.72
C THR C 192 -6.84 5.13 13.48
N GLU C 193 -8.05 5.43 13.95
CA GLU C 193 -9.24 4.61 13.69
C GLU C 193 -10.42 5.49 13.31
N GLU C 194 -11.11 5.23 12.21
CA GLU C 194 -12.26 6.03 11.81
C GLU C 194 -13.49 5.15 11.65
N LYS C 195 -14.67 5.62 12.00
CA LYS C 195 -15.91 4.87 11.80
C LYS C 195 -16.89 5.70 10.99
N PHE C 196 -17.47 5.18 9.91
CA PHE C 196 -18.36 5.96 9.07
C PHE C 196 -19.79 5.47 9.20
N ASN C 197 -20.79 6.33 9.19
CA ASN C 197 -22.18 5.92 9.39
C ASN C 197 -22.81 5.29 8.14
N GLU C 198 -24.09 4.92 8.18
CA GLU C 198 -24.78 4.32 7.04
C GLU C 198 -24.88 5.28 5.83
N LYS C 199 -24.51 6.55 5.99
CA LYS C 199 -24.57 7.54 4.91
C LYS C 199 -23.17 7.90 4.37
N GLY C 200 -22.10 7.26 4.85
CA GLY C 200 -20.76 7.54 4.39
C GLY C 200 -20.08 8.69 5.12
N GLU C 201 -20.73 9.33 6.08
CA GLU C 201 -20.11 10.41 6.84
C GLU C 201 -19.32 9.88 8.04
N LEU C 202 -18.34 10.63 8.55
CA LEU C 202 -17.47 10.18 9.65
C LEU C 202 -18.20 10.25 10.99
N SER C 203 -18.46 9.13 11.65
CA SER C 203 -19.22 9.10 12.90
C SER C 203 -18.35 9.03 14.16
N GLU C 204 -17.10 8.57 14.07
CA GLU C 204 -16.29 8.28 15.25
C GLU C 204 -14.79 8.33 14.91
N LYS C 205 -13.94 8.96 15.72
CA LYS C 205 -12.53 9.12 15.37
C LYS C 205 -11.66 8.94 16.61
N LYS C 206 -10.69 8.04 16.59
CA LYS C 206 -9.81 7.79 17.75
C LYS C 206 -8.35 7.66 17.32
N ILE C 207 -7.48 8.61 17.66
CA ILE C 207 -6.05 8.53 17.36
C ILE C 207 -5.27 8.08 18.59
N THR C 208 -4.75 6.85 18.64
CA THR C 208 -3.89 6.42 19.72
C THR C 208 -2.45 6.77 19.35
N ARG C 209 -1.67 7.43 20.21
CA ARG C 209 -0.29 7.82 19.88
C ARG C 209 0.75 6.86 20.47
N ALA C 210 2.03 6.98 20.12
CA ALA C 210 3.10 6.06 20.53
C ALA C 210 3.30 6.00 22.04
N ASP C 211 3.06 7.08 22.78
CA ASP C 211 3.15 7.09 24.24
C ASP C 211 1.83 6.66 24.90
N LYS C 212 1.00 5.87 24.22
CA LYS C 212 -0.35 5.49 24.70
C LYS C 212 -1.27 6.70 24.95
N SER C 213 -0.99 7.87 24.38
CA SER C 213 -1.88 9.02 24.50
C SER C 213 -3.00 8.91 23.47
N SER C 214 -4.22 9.36 23.75
CA SER C 214 -5.35 9.13 22.84
C SER C 214 -6.41 10.24 22.81
N THR C 215 -6.99 10.54 21.65
CA THR C 215 -8.08 11.49 21.49
C THR C 215 -9.27 10.76 20.86
N GLU C 216 -10.41 10.60 21.51
CA GLU C 216 -11.58 10.04 20.84
C GLU C 216 -12.62 11.11 20.56
N GLU C 217 -13.19 11.18 19.36
CA GLU C 217 -14.24 12.13 19.05
C GLU C 217 -15.43 11.42 18.41
N LYS C 218 -16.64 11.53 18.97
CA LYS C 218 -17.84 11.00 18.34
C LYS C 218 -18.60 12.11 17.62
N PHE C 219 -18.82 12.02 16.31
CA PHE C 219 -19.52 13.07 15.55
C PHE C 219 -21.02 12.79 15.46
N ASN C 220 -21.90 13.75 15.68
CA ASN C 220 -23.35 13.48 15.74
C ASN C 220 -24.05 13.35 14.39
N GLU C 221 -25.36 13.56 14.31
CA GLU C 221 -26.13 13.43 13.06
C GLU C 221 -25.81 14.56 12.08
N LYS C 222 -25.69 15.81 12.54
CA LYS C 222 -25.38 16.95 11.68
C LYS C 222 -23.92 16.93 11.21
N GLY C 223 -22.99 16.41 12.00
CA GLY C 223 -21.57 16.40 11.66
C GLY C 223 -20.72 17.01 12.76
N GLU C 224 -21.32 17.64 13.76
CA GLU C 224 -20.58 18.28 14.86
C GLU C 224 -19.91 17.28 15.80
N VAL C 225 -19.10 17.74 16.75
CA VAL C 225 -18.45 16.86 17.71
C VAL C 225 -19.40 16.71 18.91
N SER C 226 -20.05 15.58 19.12
CA SER C 226 -20.97 15.44 20.25
C SER C 226 -20.25 14.96 21.52
N GLU C 227 -19.17 14.18 21.43
CA GLU C 227 -18.41 13.74 22.60
C GLU C 227 -16.90 13.79 22.34
N LYS C 228 -16.06 14.01 23.35
CA LYS C 228 -14.62 14.03 23.18
C LYS C 228 -13.96 13.37 24.39
N ILE C 229 -13.01 12.46 24.21
CA ILE C 229 -12.30 11.90 25.34
C ILE C 229 -10.79 12.04 25.14
N ILE C 230 -10.10 12.84 25.96
CA ILE C 230 -8.66 13.06 25.83
C ILE C 230 -7.89 12.28 26.88
N THR C 231 -6.98 11.39 26.50
CA THR C 231 -6.20 10.58 27.46
C THR C 231 -4.72 10.96 27.40
N ARG C 232 -4.09 11.36 28.51
CA ARG C 232 -2.71 11.84 28.52
C ARG C 232 -1.66 10.73 28.32
N ALA C 233 -0.37 10.98 28.56
CA ALA C 233 0.67 9.97 28.42
C ALA C 233 0.78 9.13 29.67
N ASP C 234 0.56 9.71 30.86
CA ASP C 234 0.59 8.97 32.13
C ASP C 234 -0.74 8.28 32.44
N GLY C 235 -1.63 8.07 31.46
CA GLY C 235 -2.87 7.33 31.64
C GLY C 235 -4.09 8.17 31.93
N THR C 236 -3.99 9.22 32.76
CA THR C 236 -5.14 10.03 33.21
C THR C 236 -5.91 10.70 32.06
N ARG C 237 -7.19 11.02 32.22
CA ARG C 237 -7.99 11.49 31.08
C ARG C 237 -9.12 12.49 31.38
N LEU C 238 -9.75 13.06 30.36
CA LEU C 238 -10.85 14.01 30.49
C LEU C 238 -12.05 13.55 29.66
N GLU C 239 -13.28 13.65 30.15
CA GLU C 239 -14.47 13.27 29.38
C GLU C 239 -15.38 14.45 29.08
N TYR C 240 -15.50 14.87 27.82
CA TYR C 240 -16.43 15.93 27.44
C TYR C 240 -17.66 15.32 26.77
N THR C 241 -18.82 15.30 27.42
CA THR C 241 -20.00 14.62 26.89
C THR C 241 -21.16 15.59 26.70
N GLY C 242 -22.00 15.43 25.69
CA GLY C 242 -23.12 16.32 25.45
C GLY C 242 -22.70 17.71 25.01
N ILE C 243 -21.81 17.83 24.02
CA ILE C 243 -21.34 19.12 23.52
C ILE C 243 -22.35 19.72 22.55
N LYS C 244 -22.64 21.03 22.62
CA LYS C 244 -23.59 21.69 21.72
C LYS C 244 -22.90 22.68 20.76
N SER C 245 -23.60 23.66 20.18
CA SER C 245 -23.08 24.53 19.12
C SER C 245 -21.97 25.48 19.59
N ASP C 246 -22.23 26.32 20.58
CA ASP C 246 -21.25 27.23 21.15
C ASP C 246 -20.05 26.47 21.72
N GLY C 247 -20.26 25.27 22.29
CA GLY C 247 -19.21 24.49 22.93
C GLY C 247 -19.62 24.06 24.32
N SER C 248 -20.81 24.41 24.80
CA SER C 248 -21.28 24.10 26.15
C SER C 248 -21.54 22.61 26.35
N GLY C 249 -21.13 22.01 27.46
CA GLY C 249 -21.32 20.59 27.68
C GLY C 249 -20.78 20.13 29.00
N LYS C 250 -21.12 18.94 29.48
CA LYS C 250 -20.72 18.48 30.79
C LYS C 250 -19.32 17.89 30.74
N ALA C 251 -18.42 18.26 31.66
CA ALA C 251 -17.05 17.80 31.63
C ALA C 251 -16.75 16.79 32.75
N LYS C 252 -15.63 16.08 32.70
CA LYS C 252 -15.27 15.10 33.72
C LYS C 252 -13.76 14.86 33.67
N GLU C 253 -13.04 14.78 34.80
CA GLU C 253 -11.60 14.45 34.76
C GLU C 253 -11.30 13.12 35.46
N VAL C 254 -10.40 12.29 34.94
CA VAL C 254 -10.10 10.97 35.50
C VAL C 254 -8.63 10.89 35.95
N LEU C 255 -8.27 11.37 37.14
CA LEU C 255 -6.89 11.30 37.64
C LEU C 255 -6.65 10.02 38.42
N LYS C 256 -5.40 9.57 38.59
CA LYS C 256 -5.10 8.29 39.26
C LYS C 256 -5.60 8.25 40.71
N GLY C 257 -6.71 7.56 40.98
CA GLY C 257 -7.31 7.53 42.31
C GLY C 257 -8.61 8.32 42.35
N TYR C 258 -8.65 9.55 41.83
CA TYR C 258 -9.82 10.41 41.99
C TYR C 258 -10.44 10.96 40.69
N VAL C 259 -11.72 11.35 40.70
CA VAL C 259 -12.37 11.90 39.52
C VAL C 259 -13.09 13.22 39.83
N LEU C 260 -12.72 14.32 39.18
CA LEU C 260 -13.35 15.63 39.38
C LEU C 260 -14.47 15.83 38.36
N GLU C 261 -15.71 16.13 38.77
CA GLU C 261 -16.80 16.36 37.80
C GLU C 261 -17.04 17.84 37.53
N GLY C 262 -17.72 18.24 36.45
CA GLY C 262 -17.93 19.66 36.21
C GLY C 262 -18.41 20.06 34.83
N THR C 263 -18.12 21.27 34.38
CA THR C 263 -18.70 21.83 33.16
C THR C 263 -17.64 22.41 32.22
N LEU C 264 -17.93 22.51 30.93
CA LEU C 264 -16.99 23.05 29.95
C LEU C 264 -17.73 24.04 29.05
N THR C 265 -17.29 25.28 28.95
CA THR C 265 -17.90 26.24 28.03
C THR C 265 -16.90 26.62 26.95
N ALA C 266 -17.30 27.40 25.94
CA ALA C 266 -16.44 27.75 24.80
C ALA C 266 -15.01 28.16 25.18
N GLU C 267 -14.77 28.86 26.28
CA GLU C 267 -13.42 29.28 26.64
C GLU C 267 -12.65 28.26 27.49
N LYS C 268 -13.25 27.63 28.49
CA LYS C 268 -12.51 26.81 29.45
C LYS C 268 -13.29 25.62 30.03
N THR C 269 -12.63 24.75 30.78
CA THR C 269 -13.24 23.64 31.51
C THR C 269 -13.29 23.99 32.98
N THR C 270 -14.40 23.84 33.68
CA THR C 270 -14.45 24.06 35.12
C THR C 270 -14.86 22.79 35.86
N LEU C 271 -14.03 22.29 36.76
CA LEU C 271 -14.32 21.10 37.56
C LEU C 271 -14.65 21.53 38.98
N VAL C 272 -15.79 21.11 39.56
CA VAL C 272 -16.30 21.67 40.82
C VAL C 272 -16.29 20.66 41.99
N VAL C 273 -15.64 20.94 43.11
CA VAL C 273 -15.75 20.12 44.33
C VAL C 273 -16.06 20.97 45.56
N LYS C 274 -16.75 20.46 46.57
CA LYS C 274 -17.13 21.24 47.74
C LYS C 274 -16.73 20.58 49.07
N GLU C 275 -16.32 21.35 50.08
CA GLU C 275 -16.27 20.87 51.47
C GLU C 275 -16.99 21.90 52.36
N GLY C 276 -18.28 21.72 52.64
CA GLY C 276 -19.11 22.78 53.21
C GLY C 276 -19.54 23.72 52.08
N THR C 277 -19.55 25.04 52.28
CA THR C 277 -19.77 25.96 51.17
C THR C 277 -18.43 26.30 50.49
N VAL C 278 -17.30 25.76 50.97
CA VAL C 278 -15.98 25.97 50.37
C VAL C 278 -15.86 25.22 49.03
N THR C 279 -16.14 25.86 47.90
CA THR C 279 -16.12 25.21 46.59
C THR C 279 -14.78 25.40 45.89
N LEU C 280 -13.95 24.36 45.73
CA LEU C 280 -12.74 24.50 44.95
C LEU C 280 -13.04 24.32 43.47
N SER C 281 -12.41 25.08 42.57
CA SER C 281 -12.64 24.94 41.14
C SER C 281 -11.34 24.74 40.39
N LYS C 282 -11.13 23.60 39.73
CA LYS C 282 -10.00 23.43 38.84
C LYS C 282 -10.38 23.94 37.45
N ASN C 283 -9.60 24.82 36.83
CA ASN C 283 -9.95 25.39 35.54
C ASN C 283 -8.95 25.04 34.44
N ILE C 284 -9.35 24.35 33.38
CA ILE C 284 -8.43 24.04 32.29
C ILE C 284 -8.85 24.79 31.02
N SER C 285 -8.00 25.64 30.47
CA SER C 285 -8.30 26.41 29.26
C SER C 285 -8.35 25.53 28.02
N LYS C 286 -8.71 26.06 26.85
CA LYS C 286 -8.68 25.30 25.59
C LYS C 286 -7.27 24.82 25.26
N SER C 287 -6.23 25.63 25.48
CA SER C 287 -4.83 25.24 25.26
C SER C 287 -4.34 24.24 26.31
N GLY C 288 -5.02 24.10 27.44
CA GLY C 288 -4.63 23.14 28.46
C GLY C 288 -3.97 23.83 29.64
N GLU C 289 -3.97 25.16 29.73
CA GLU C 289 -3.33 25.87 30.85
C GLU C 289 -4.11 25.69 32.17
N VAL C 290 -3.51 25.06 33.19
CA VAL C 290 -4.21 24.71 34.42
C VAL C 290 -4.25 25.85 35.45
N SER C 291 -5.39 26.15 36.05
CA SER C 291 -5.51 27.19 37.09
C SER C 291 -6.55 26.79 38.15
N VAL C 292 -6.38 27.17 39.42
CA VAL C 292 -7.29 26.75 40.49
C VAL C 292 -7.70 27.91 41.40
N GLU C 293 -8.94 27.97 41.88
CA GLU C 293 -9.39 29.04 42.78
C GLU C 293 -10.36 28.52 43.84
N LEU C 294 -10.65 29.29 44.89
CA LEU C 294 -11.50 28.83 46.00
C LEU C 294 -12.47 29.92 46.46
N ASN C 295 -13.76 29.64 46.56
CA ASN C 295 -14.73 30.60 47.11
C ASN C 295 -15.35 30.10 48.42
N ASP C 296 -15.52 30.94 49.43
CA ASP C 296 -16.18 30.56 50.68
C ASP C 296 -17.37 31.48 50.91
N THR C 297 -18.57 30.96 51.22
CA THR C 297 -19.75 31.79 51.49
C THR C 297 -19.76 32.22 52.97
N ASP C 298 -18.75 31.84 53.77
CA ASP C 298 -18.68 32.15 55.20
C ASP C 298 -18.62 33.65 55.50
N SER C 299 -19.33 34.14 56.51
CA SER C 299 -19.27 35.54 56.93
C SER C 299 -18.53 35.68 58.27
N SER C 300 -17.30 35.14 58.39
CA SER C 300 -16.51 35.24 59.63
C SER C 300 -15.04 35.40 59.30
N ALA C 301 -14.40 36.52 59.65
CA ALA C 301 -13.01 36.82 59.25
C ALA C 301 -11.96 35.91 59.91
N ALA C 302 -12.24 35.28 61.04
CA ALA C 302 -11.26 34.44 61.74
C ALA C 302 -11.36 32.96 61.36
N THR C 303 -12.19 32.57 60.41
CA THR C 303 -12.32 31.17 59.97
C THR C 303 -12.49 31.04 58.46
N LYS C 304 -13.06 32.04 57.76
CA LYS C 304 -13.34 31.98 56.32
C LYS C 304 -12.13 31.53 55.51
N LYS C 305 -12.31 30.66 54.52
CA LYS C 305 -11.19 30.16 53.73
C LYS C 305 -11.03 30.96 52.44
N THR C 306 -9.84 31.46 52.14
CA THR C 306 -9.54 32.08 50.85
C THR C 306 -8.16 31.63 50.38
N ALA C 307 -7.94 31.41 49.09
CA ALA C 307 -6.63 30.97 48.60
C ALA C 307 -6.15 31.84 47.44
N ALA C 308 -4.84 31.93 47.20
CA ALA C 308 -4.30 32.69 46.08
C ALA C 308 -3.75 31.77 44.99
N TRP C 309 -3.81 32.17 43.71
CA TRP C 309 -3.23 31.35 42.64
C TRP C 309 -1.94 31.96 42.06
N ASN C 310 -0.82 31.25 42.13
CA ASN C 310 0.43 31.68 41.51
C ASN C 310 0.78 30.72 40.37
N SER C 311 0.62 31.12 39.11
CA SER C 311 0.90 30.23 37.97
C SER C 311 2.40 30.17 37.61
N GLY C 312 3.30 30.70 38.44
CA GLY C 312 4.74 30.57 38.22
C GLY C 312 5.27 29.24 38.72
N THR C 313 4.63 28.62 39.70
CA THR C 313 4.97 27.26 40.16
C THR C 313 3.69 26.46 40.40
N SER C 314 2.56 26.87 39.83
CA SER C 314 1.25 26.21 39.99
C SER C 314 0.86 25.94 41.43
N THR C 315 1.26 26.78 42.39
CA THR C 315 0.93 26.57 43.78
C THR C 315 -0.33 27.32 44.19
N LEU C 316 -1.27 26.69 44.89
CA LEU C 316 -2.43 27.36 45.44
C LEU C 316 -2.21 27.57 46.93
N THR C 317 -1.90 28.77 47.39
CA THR C 317 -1.63 29.02 48.81
C THR C 317 -2.90 29.39 49.60
N ILE C 318 -3.31 28.58 50.59
CA ILE C 318 -4.52 28.83 51.37
C ILE C 318 -4.22 29.65 52.62
N THR C 319 -5.16 30.47 53.11
CA THR C 319 -4.96 31.27 54.32
C THR C 319 -6.26 31.34 55.14
N VAL C 320 -6.23 31.03 56.44
CA VAL C 320 -7.42 31.12 57.31
C VAL C 320 -7.07 31.88 58.59
N ASN C 321 -7.84 32.89 59.00
CA ASN C 321 -7.57 33.68 60.20
C ASN C 321 -6.27 34.49 60.08
N SER C 322 -6.00 35.11 58.93
CA SER C 322 -4.72 35.80 58.65
C SER C 322 -3.49 34.89 58.78
N LYS C 323 -3.62 33.58 58.61
CA LYS C 323 -2.51 32.63 58.78
C LYS C 323 -2.43 31.65 57.60
N LYS C 324 -1.27 31.47 56.97
CA LYS C 324 -1.08 30.48 55.89
C LYS C 324 -1.25 29.05 56.41
N THR C 325 -1.96 28.18 55.71
CA THR C 325 -2.16 26.80 56.16
C THR C 325 -1.66 25.76 55.16
N LYS C 326 -2.12 25.77 53.90
CA LYS C 326 -1.77 24.72 52.95
C LYS C 326 -1.22 25.25 51.63
N ASP C 327 -0.20 24.60 51.05
CA ASP C 327 0.26 24.88 49.70
C ASP C 327 -0.22 23.78 48.77
N LEU C 328 -1.25 24.01 47.95
CA LEU C 328 -1.70 23.00 47.00
C LEU C 328 -1.00 23.19 45.66
N VAL C 329 0.17 22.56 45.46
CA VAL C 329 0.89 22.64 44.19
C VAL C 329 0.26 21.64 43.20
N PHE C 330 -0.17 22.08 42.02
CA PHE C 330 -0.74 21.20 41.02
C PHE C 330 0.35 20.88 39.99
N THR C 331 0.91 19.69 39.98
CA THR C 331 2.12 19.39 39.20
C THR C 331 1.86 19.16 37.71
N LYS C 332 2.88 19.34 36.85
CA LYS C 332 2.73 19.14 35.42
C LYS C 332 2.71 17.66 35.04
N GLU C 333 3.17 16.76 35.89
CA GLU C 333 2.91 15.33 35.70
C GLU C 333 1.51 14.96 36.20
N ASN C 334 0.67 15.97 36.51
CA ASN C 334 -0.78 15.80 36.76
C ASN C 334 -1.19 15.18 38.09
N THR C 335 -0.49 15.46 39.19
CA THR C 335 -0.92 15.07 40.52
C THR C 335 -1.13 16.32 41.36
N ILE C 336 -1.68 16.24 42.57
CA ILE C 336 -1.81 17.41 43.45
C ILE C 336 -1.04 17.16 44.74
N THR C 337 -0.24 18.11 45.24
CA THR C 337 0.47 17.93 46.50
C THR C 337 0.02 18.93 47.55
N VAL C 338 0.01 18.59 48.84
CA VAL C 338 -0.39 19.51 49.90
C VAL C 338 0.74 19.65 50.92
N GLN C 339 1.45 20.78 50.99
CA GLN C 339 2.48 20.96 52.02
C GLN C 339 1.99 21.92 53.11
N GLN C 340 1.71 21.44 54.31
CA GLN C 340 1.18 22.27 55.40
C GLN C 340 2.16 23.33 55.89
N TYR C 341 1.68 24.38 56.57
CA TYR C 341 2.55 25.39 57.20
C TYR C 341 2.68 25.13 58.70
N ASP C 342 3.34 25.99 59.46
CA ASP C 342 3.38 25.89 60.92
C ASP C 342 2.10 26.47 61.56
N SER C 343 2.00 26.56 62.89
CA SER C 343 0.83 27.13 63.56
C SER C 343 0.61 28.60 63.17
N ASN C 344 1.66 29.37 62.91
CA ASN C 344 1.55 30.80 62.64
C ASN C 344 1.33 31.14 61.17
N GLY C 345 1.96 30.45 60.21
CA GLY C 345 1.84 30.77 58.79
C GLY C 345 3.08 31.44 58.23
N THR C 346 4.29 31.11 58.70
CA THR C 346 5.54 31.69 58.20
C THR C 346 6.42 30.60 57.58
N LYS C 347 6.58 29.46 58.24
CA LYS C 347 7.47 28.37 57.79
C LYS C 347 6.67 27.26 57.11
N LEU C 348 7.23 26.55 56.13
CA LEU C 348 6.62 25.34 55.55
C LEU C 348 7.07 24.09 56.32
N GLU C 349 6.19 23.12 56.57
CA GLU C 349 6.54 21.93 57.36
C GLU C 349 6.99 20.74 56.50
N GLY C 350 8.18 20.18 56.71
CA GLY C 350 8.63 18.94 56.05
C GLY C 350 8.63 18.95 54.54
N SER C 351 8.18 17.89 53.88
CA SER C 351 8.10 17.83 52.42
C SER C 351 6.65 17.90 51.93
N ALA C 352 6.40 17.87 50.62
CA ALA C 352 5.04 17.83 50.07
C ALA C 352 4.45 16.43 50.13
N VAL C 353 3.14 16.26 50.03
CA VAL C 353 2.50 14.94 50.10
C VAL C 353 1.56 14.77 48.91
N GLU C 354 1.75 13.77 48.04
CA GLU C 354 0.89 13.55 46.88
C GLU C 354 -0.49 13.02 47.28
N ILE C 355 -1.61 13.56 46.77
CA ILE C 355 -2.97 13.10 47.11
C ILE C 355 -3.33 11.77 46.44
N THR C 356 -3.71 10.73 47.18
CA THR C 356 -4.04 9.42 46.60
C THR C 356 -5.55 9.13 46.53
N LYS C 357 -6.41 9.86 47.26
CA LYS C 357 -7.85 9.62 47.23
C LYS C 357 -8.59 10.92 46.94
N LEU C 358 -9.85 10.88 46.52
CA LEU C 358 -10.69 12.08 46.45
C LEU C 358 -10.93 12.58 47.87
N ASP C 359 -11.09 11.69 48.85
CA ASP C 359 -11.24 12.04 50.27
C ASP C 359 -10.10 12.92 50.78
N GLU C 360 -8.99 13.06 50.05
CA GLU C 360 -7.89 13.91 50.46
C GLU C 360 -7.95 15.29 49.79
N ILE C 361 -8.95 15.56 48.96
CA ILE C 361 -9.22 16.91 48.45
C ILE C 361 -10.37 17.54 49.23
N LYS C 362 -11.44 16.79 49.56
CA LYS C 362 -12.50 17.27 50.43
C LYS C 362 -11.97 17.53 51.85
N ASN C 363 -11.02 16.74 52.36
CA ASN C 363 -10.46 16.92 53.71
C ASN C 363 -9.56 18.15 53.86
N ALA C 364 -8.90 18.64 52.81
CA ALA C 364 -8.08 19.85 52.88
C ALA C 364 -8.94 21.12 53.03
N LEU C 365 -10.08 21.21 52.35
CA LEU C 365 -10.93 22.42 52.37
C LEU C 365 -11.81 22.47 53.62
N LYS C 366 -11.43 21.83 54.72
CA LYS C 366 -12.21 21.88 55.96
C LYS C 366 -11.90 23.15 56.77
#